data_1FIX
# 
_entry.id   1FIX 
# 
_audit_conform.dict_name       mmcif_pdbx.dic 
_audit_conform.dict_version    5.389 
_audit_conform.dict_location   http://mmcif.pdb.org/dictionaries/ascii/mmcif_pdbx.dic 
# 
loop_
_database_2.database_id 
_database_2.database_code 
_database_2.pdbx_database_accession 
_database_2.pdbx_DOI 
PDB   1FIX         pdb_00001fix 10.2210/pdb1fix/pdb 
RCSB  UHJ055       ?            ?                   
WWPDB D_1000173305 ?            ?                   
# 
loop_
_pdbx_audit_revision_history.ordinal 
_pdbx_audit_revision_history.data_content_type 
_pdbx_audit_revision_history.major_revision 
_pdbx_audit_revision_history.minor_revision 
_pdbx_audit_revision_history.revision_date 
1 'Structure model' 1 0 1996-12-11 
2 'Structure model' 1 1 2008-05-22 
3 'Structure model' 1 2 2011-07-13 
4 'Structure model' 1 3 2024-02-07 
5 'Structure model' 1 4 2024-04-03 
# 
_pdbx_audit_revision_details.ordinal             1 
_pdbx_audit_revision_details.revision_ordinal    1 
_pdbx_audit_revision_details.data_content_type   'Structure model' 
_pdbx_audit_revision_details.provider            repository 
_pdbx_audit_revision_details.type                'Initial release' 
_pdbx_audit_revision_details.description         ? 
_pdbx_audit_revision_details.details             ? 
# 
loop_
_pdbx_audit_revision_group.ordinal 
_pdbx_audit_revision_group.revision_ordinal 
_pdbx_audit_revision_group.data_content_type 
_pdbx_audit_revision_group.group 
1 2 'Structure model' 'Version format compliance' 
2 3 'Structure model' 'Version format compliance' 
3 4 'Structure model' 'Data collection'           
4 4 'Structure model' 'Database references'       
5 5 'Structure model' 'Refinement description'    
# 
loop_
_pdbx_audit_revision_category.ordinal 
_pdbx_audit_revision_category.revision_ordinal 
_pdbx_audit_revision_category.data_content_type 
_pdbx_audit_revision_category.category 
1 4 'Structure model' chem_comp_atom                
2 4 'Structure model' chem_comp_bond                
3 4 'Structure model' database_2                    
4 5 'Structure model' pdbx_initial_refinement_model 
# 
loop_
_pdbx_audit_revision_item.ordinal 
_pdbx_audit_revision_item.revision_ordinal 
_pdbx_audit_revision_item.data_content_type 
_pdbx_audit_revision_item.item 
1 4 'Structure model' '_database_2.pdbx_DOI'                
2 4 'Structure model' '_database_2.pdbx_database_accession' 
# 
_pdbx_database_status.status_code                     REL 
_pdbx_database_status.entry_id                        1FIX 
_pdbx_database_status.recvd_initial_deposition_date   1996-10-24 
_pdbx_database_status.deposit_site                    NDB 
_pdbx_database_status.process_site                    NDB 
_pdbx_database_status.status_code_sf                  REL 
_pdbx_database_status.status_code_mr                  ? 
_pdbx_database_status.SG_entry                        ? 
_pdbx_database_status.pdb_format_compatible           Y 
_pdbx_database_status.status_code_cs                  ? 
_pdbx_database_status.status_code_nmr_data            ? 
_pdbx_database_status.methods_development_category    ? 
# 
loop_
_audit_author.name 
_audit_author.pdbx_ordinal 
'Horton, N.C.' 1 
'Finzel, B.C.' 2 
# 
_citation.id                        primary 
_citation.title                     
'The structure of an RNA/DNA hybrid: a substrate of the ribonuclease activity of HIV-1 reverse transcriptase.' 
_citation.journal_abbrev            J.Mol.Biol. 
_citation.journal_volume            264 
_citation.page_first                521 
_citation.page_last                 533 
_citation.year                      1996 
_citation.journal_id_ASTM           JMOBAK 
_citation.country                   UK 
_citation.journal_id_ISSN           0022-2836 
_citation.journal_id_CSD            0070 
_citation.book_publisher            ? 
_citation.pdbx_database_id_PubMed   8969302 
_citation.pdbx_database_id_DOI      10.1006/jmbi.1996.0658 
# 
loop_
_citation_author.citation_id 
_citation_author.name 
_citation_author.ordinal 
_citation_author.identifier_ORCID 
primary 'Horton, N.C.' 1 ? 
primary 'Finzel, B.C.' 2 ? 
# 
loop_
_entity.id 
_entity.type 
_entity.src_method 
_entity.pdbx_description 
_entity.formula_weight 
_entity.pdbx_number_of_molecules 
_entity.pdbx_ec 
_entity.pdbx_mutation 
_entity.pdbx_fragment 
_entity.details 
1 polymer syn 
;RNA (5'-R(*UP*UP*CP*GP*GP*GP*CP*GP*CP*C)-3')
;
3168.925 1  ? ? ? ? 
2 polymer syn 
;DNA (5'-D(*GP*GP*CP*GP*CP*CP*CP*GP*AP*A)-3')
;
3055.006 1  ? ? ? ? 
3 water   nat water                                          18.015   72 ? ? ? ? 
# 
loop_
_entity_poly.entity_id 
_entity_poly.type 
_entity_poly.nstd_linkage 
_entity_poly.nstd_monomer 
_entity_poly.pdbx_seq_one_letter_code 
_entity_poly.pdbx_seq_one_letter_code_can 
_entity_poly.pdbx_strand_id 
_entity_poly.pdbx_target_identifier 
1 polyribonucleotide      no no UUCGGGCGCC                                 UUCGGGCGCC A ? 
2 polydeoxyribonucleotide no no '(DG)(DG)(DC)(DG)(DC)(DC)(DC)(DG)(DA)(DA)' GGCGCCCGAA B ? 
# 
_pdbx_entity_nonpoly.entity_id   3 
_pdbx_entity_nonpoly.name        water 
_pdbx_entity_nonpoly.comp_id     HOH 
# 
loop_
_entity_poly_seq.entity_id 
_entity_poly_seq.num 
_entity_poly_seq.mon_id 
_entity_poly_seq.hetero 
1 1  U  n 
1 2  U  n 
1 3  C  n 
1 4  G  n 
1 5  G  n 
1 6  G  n 
1 7  C  n 
1 8  G  n 
1 9  C  n 
1 10 C  n 
2 1  DG n 
2 2  DG n 
2 3  DC n 
2 4  DG n 
2 5  DC n 
2 6  DC n 
2 7  DC n 
2 8  DG n 
2 9  DA n 
2 10 DA n 
# 
loop_
_chem_comp.id 
_chem_comp.type 
_chem_comp.mon_nstd_flag 
_chem_comp.name 
_chem_comp.pdbx_synonyms 
_chem_comp.formula 
_chem_comp.formula_weight 
C   'RNA linking' y "CYTIDINE-5'-MONOPHOSPHATE"          ? 'C9 H14 N3 O8 P'  323.197 
DA  'DNA linking' y "2'-DEOXYADENOSINE-5'-MONOPHOSPHATE" ? 'C10 H14 N5 O6 P' 331.222 
DC  'DNA linking' y "2'-DEOXYCYTIDINE-5'-MONOPHOSPHATE"  ? 'C9 H14 N3 O7 P'  307.197 
DG  'DNA linking' y "2'-DEOXYGUANOSINE-5'-MONOPHOSPHATE" ? 'C10 H14 N5 O7 P' 347.221 
G   'RNA linking' y "GUANOSINE-5'-MONOPHOSPHATE"         ? 'C10 H14 N5 O8 P' 363.221 
HOH non-polymer   . WATER                                ? 'H2 O'            18.015  
U   'RNA linking' y "URIDINE-5'-MONOPHOSPHATE"           ? 'C9 H13 N2 O9 P'  324.181 
# 
loop_
_pdbx_poly_seq_scheme.asym_id 
_pdbx_poly_seq_scheme.entity_id 
_pdbx_poly_seq_scheme.seq_id 
_pdbx_poly_seq_scheme.mon_id 
_pdbx_poly_seq_scheme.ndb_seq_num 
_pdbx_poly_seq_scheme.pdb_seq_num 
_pdbx_poly_seq_scheme.auth_seq_num 
_pdbx_poly_seq_scheme.pdb_mon_id 
_pdbx_poly_seq_scheme.auth_mon_id 
_pdbx_poly_seq_scheme.pdb_strand_id 
_pdbx_poly_seq_scheme.pdb_ins_code 
_pdbx_poly_seq_scheme.hetero 
A 1 1  U  1  1  1  U  U A . n 
A 1 2  U  2  2  2  U  U A . n 
A 1 3  C  3  3  3  C  C A . n 
A 1 4  G  4  4  4  G  G A . n 
A 1 5  G  5  5  5  G  G A . n 
A 1 6  G  6  6  6  G  G A . n 
A 1 7  C  7  7  7  C  C A . n 
A 1 8  G  8  8  8  G  G A . n 
A 1 9  C  9  9  9  C  C A . n 
A 1 10 C  10 10 10 C  C A . n 
B 2 1  DG 1  11 11 DG G B . n 
B 2 2  DG 2  12 12 DG G B . n 
B 2 3  DC 3  13 13 DC C B . n 
B 2 4  DG 4  14 14 DG G B . n 
B 2 5  DC 5  15 15 DC C B . n 
B 2 6  DC 6  16 16 DC C B . n 
B 2 7  DC 7  17 17 DC C B . n 
B 2 8  DG 8  18 18 DG G B . n 
B 2 9  DA 9  19 19 DA A B . n 
B 2 10 DA 10 20 20 DA A B . n 
# 
loop_
_pdbx_nonpoly_scheme.asym_id 
_pdbx_nonpoly_scheme.entity_id 
_pdbx_nonpoly_scheme.mon_id 
_pdbx_nonpoly_scheme.ndb_seq_num 
_pdbx_nonpoly_scheme.pdb_seq_num 
_pdbx_nonpoly_scheme.auth_seq_num 
_pdbx_nonpoly_scheme.pdb_mon_id 
_pdbx_nonpoly_scheme.auth_mon_id 
_pdbx_nonpoly_scheme.pdb_strand_id 
_pdbx_nonpoly_scheme.pdb_ins_code 
C 3 HOH 1  21 21 HOH HOH A . 
C 3 HOH 2  22 22 HOH HOH A . 
C 3 HOH 3  23 23 HOH HOH A . 
C 3 HOH 4  24 24 HOH HOH A . 
C 3 HOH 5  25 25 HOH HOH A . 
C 3 HOH 6  26 26 HOH HOH A . 
C 3 HOH 7  27 27 HOH HOH A . 
C 3 HOH 8  28 28 HOH HOH A . 
C 3 HOH 9  29 29 HOH HOH A . 
C 3 HOH 10 31 31 HOH HOH A . 
C 3 HOH 11 32 32 HOH HOH A . 
C 3 HOH 12 33 33 HOH HOH A . 
C 3 HOH 13 34 34 HOH HOH A . 
C 3 HOH 14 35 35 HOH HOH A . 
C 3 HOH 15 36 36 HOH HOH A . 
C 3 HOH 16 37 37 HOH HOH A . 
C 3 HOH 17 38 38 HOH HOH A . 
C 3 HOH 18 40 40 HOH HOH A . 
C 3 HOH 19 41 41 HOH HOH A . 
C 3 HOH 20 54 54 HOH HOH A . 
C 3 HOH 21 56 56 HOH HOH A . 
C 3 HOH 22 58 58 HOH HOH A . 
C 3 HOH 23 59 59 HOH HOH A . 
C 3 HOH 24 60 60 HOH HOH A . 
C 3 HOH 25 61 61 HOH HOH A . 
C 3 HOH 26 62 62 HOH HOH A . 
C 3 HOH 27 64 64 HOH HOH A . 
C 3 HOH 28 68 68 HOH HOH A . 
C 3 HOH 29 71 71 HOH HOH A . 
C 3 HOH 30 72 72 HOH HOH A . 
C 3 HOH 31 73 73 HOH HOH A . 
C 3 HOH 32 75 75 HOH HOH A . 
C 3 HOH 33 76 76 HOH HOH A . 
C 3 HOH 34 78 78 HOH HOH A . 
C 3 HOH 35 80 80 HOH HOH A . 
C 3 HOH 36 82 82 HOH HOH A . 
C 3 HOH 37 83 83 HOH HOH A . 
C 3 HOH 38 84 84 HOH HOH A . 
C 3 HOH 39 85 85 HOH HOH A . 
C 3 HOH 40 86 86 HOH HOH A . 
C 3 HOH 41 88 88 HOH HOH A . 
C 3 HOH 42 89 89 HOH HOH A . 
C 3 HOH 43 90 90 HOH HOH A . 
C 3 HOH 44 91 91 HOH HOH A . 
C 3 HOH 45 92 92 HOH HOH A . 
D 3 HOH 1  30 30 HOH HOH B . 
D 3 HOH 2  39 39 HOH HOH B . 
D 3 HOH 3  42 42 HOH HOH B . 
D 3 HOH 4  43 43 HOH HOH B . 
D 3 HOH 5  44 44 HOH HOH B . 
D 3 HOH 6  45 45 HOH HOH B . 
D 3 HOH 7  46 46 HOH HOH B . 
D 3 HOH 8  47 47 HOH HOH B . 
D 3 HOH 9  48 48 HOH HOH B . 
D 3 HOH 10 49 49 HOH HOH B . 
D 3 HOH 11 50 50 HOH HOH B . 
D 3 HOH 12 51 51 HOH HOH B . 
D 3 HOH 13 52 52 HOH HOH B . 
D 3 HOH 14 53 53 HOH HOH B . 
D 3 HOH 15 55 55 HOH HOH B . 
D 3 HOH 16 57 57 HOH HOH B . 
D 3 HOH 17 63 63 HOH HOH B . 
D 3 HOH 18 65 65 HOH HOH B . 
D 3 HOH 19 66 66 HOH HOH B . 
D 3 HOH 20 67 67 HOH HOH B . 
D 3 HOH 21 69 69 HOH HOH B . 
D 3 HOH 22 70 70 HOH HOH B . 
D 3 HOH 23 74 74 HOH HOH B . 
D 3 HOH 24 77 77 HOH HOH B . 
D 3 HOH 25 79 79 HOH HOH B . 
D 3 HOH 26 81 81 HOH HOH B . 
D 3 HOH 27 87 87 HOH HOH B . 
# 
loop_
_software.name 
_software.classification 
_software.version 
_software.citation_id 
_software.pdbx_ordinal 
XTAL   'model building' . ? 1 
X-PLOR refinement       . ? 2 
XENGEN 'data reduction' . ? 3 
XENGEN 'data scaling'   . ? 4 
XTAL   phasing          . ? 5 
# 
_cell.entry_id           1FIX 
_cell.length_a           31.300 
_cell.length_b           31.300 
_cell.length_c           137.700 
_cell.angle_alpha        90.00 
_cell.angle_beta         90.00 
_cell.angle_gamma        90.00 
_cell.Z_PDB              8 
_cell.pdbx_unique_axis   ? 
_cell.length_a_esd       ? 
_cell.length_b_esd       ? 
_cell.length_c_esd       ? 
_cell.angle_alpha_esd    ? 
_cell.angle_beta_esd     ? 
_cell.angle_gamma_esd    ? 
# 
_symmetry.entry_id                         1FIX 
_symmetry.space_group_name_H-M             'P 43 2 2' 
_symmetry.pdbx_full_space_group_name_H-M   ? 
_symmetry.cell_setting                     ? 
_symmetry.Int_Tables_number                95 
_symmetry.space_group_name_Hall            ? 
# 
_exptl.entry_id          1FIX 
_exptl.method            'X-RAY DIFFRACTION' 
_exptl.crystals_number   1 
# 
_exptl_crystal.id                    1 
_exptl_crystal.density_meas          ? 
_exptl_crystal.density_Matthews      2.64 
_exptl_crystal.density_percent_sol   46.5000 
_exptl_crystal.description           ? 
_exptl_crystal.F_000                 ? 
_exptl_crystal.preparation           ? 
# 
_exptl_crystal_grow.crystal_id      1 
_exptl_crystal_grow.method          'VAPOR DIFFUSION, HANGING DROP' 
_exptl_crystal_grow.temp            ? 
_exptl_crystal_grow.temp_details    'ROOM TEMPERATURE' 
_exptl_crystal_grow.pH              4.50 
_exptl_crystal_grow.pdbx_details    'pH 4.50, VAPOR DIFFUSION, HANGING DROP' 
_exptl_crystal_grow.pdbx_pH_range   ? 
# 
loop_
_exptl_crystal_grow_comp.crystal_id 
_exptl_crystal_grow_comp.id 
_exptl_crystal_grow_comp.sol_id 
_exptl_crystal_grow_comp.name 
_exptl_crystal_grow_comp.volume 
_exptl_crystal_grow_comp.conc 
_exptl_crystal_grow_comp.details 
1 1 1 WATER        ? ? ? 
1 2 1 MPD          ? ? ? 
1 3 1 CACL2        ? ? ? 
1 4 1 'NA ACETATE' ? ? ? 
# 
_diffrn.id                     1 
_diffrn.ambient_temp           ? 
_diffrn.ambient_temp_details   'ROOM TEMPERATURE' 
_diffrn.crystal_id             1 
# 
_diffrn_detector.diffrn_id              1 
_diffrn_detector.detector               'AREA DETECTOR' 
_diffrn_detector.type                   SIEMENS 
_diffrn_detector.pdbx_collection_date   1994-10-01 
_diffrn_detector.details                ? 
# 
_diffrn_radiation.diffrn_id                        1 
_diffrn_radiation.wavelength_id                    1 
_diffrn_radiation.pdbx_monochromatic_or_laue_m_l   M 
_diffrn_radiation.monochromator                    ? 
_diffrn_radiation.pdbx_diffrn_protocol             ? 
_diffrn_radiation.pdbx_scattering_type             x-ray 
# 
_diffrn_radiation_wavelength.id           1 
_diffrn_radiation_wavelength.wavelength   . 
_diffrn_radiation_wavelength.wt           1.0 
# 
_diffrn_source.diffrn_id                   1 
_diffrn_source.source                      ? 
_diffrn_source.type                        ? 
_diffrn_source.pdbx_synchrotron_site       ? 
_diffrn_source.pdbx_synchrotron_beamline   ? 
_diffrn_source.pdbx_wavelength             ? 
_diffrn_source.pdbx_wavelength_list        ? 
# 
_reflns.entry_id                     1FIX 
_reflns.observed_criterion_sigma_I   2.000 
_reflns.observed_criterion_sigma_F   ? 
_reflns.d_resolution_low             5.000 
_reflns.d_resolution_high            2.300 
_reflns.number_obs                   3315 
_reflns.number_all                   20393 
_reflns.percent_possible_obs         94.400 
_reflns.pdbx_Rmerge_I_obs            0.0810000 
_reflns.pdbx_Rsym_value              0.0810000 
_reflns.pdbx_netI_over_sigmaI        ? 
_reflns.B_iso_Wilson_estimate        ? 
_reflns.pdbx_redundancy              ? 
_reflns.R_free_details               ? 
_reflns.pdbx_chi_squared             ? 
_reflns.pdbx_scaling_rejects         ? 
_reflns.pdbx_diffrn_id               1 
_reflns.pdbx_ordinal                 1 
# 
_refine.entry_id                                 1FIX 
_refine.ls_number_reflns_obs                     2457 
_refine.ls_number_reflns_all                     ? 
_refine.pdbx_ls_sigma_I                          ? 
_refine.pdbx_ls_sigma_F                          2.000 
_refine.pdbx_data_cutoff_high_absF               ? 
_refine.pdbx_data_cutoff_low_absF                ? 
_refine.pdbx_data_cutoff_high_rms_absF           ? 
_refine.ls_d_res_low                             5.000 
_refine.ls_d_res_high                            2.300 
_refine.ls_percent_reflns_obs                    80.000 
_refine.ls_R_factor_obs                          0.1450000 
_refine.ls_R_factor_all                          ? 
_refine.ls_R_factor_R_work                       0.1450000 
_refine.ls_R_factor_R_free                       ? 
_refine.ls_R_factor_R_free_error                 ? 
_refine.ls_R_factor_R_free_error_details         ? 
_refine.ls_percent_reflns_R_free                 ? 
_refine.ls_number_reflns_R_free                  ? 
_refine.ls_number_parameters                     ? 
_refine.ls_number_restraints                     ? 
_refine.occupancy_min                            ? 
_refine.occupancy_max                            ? 
_refine.B_iso_mean                               ? 
_refine.aniso_B[1][1]                            ? 
_refine.aniso_B[2][2]                            ? 
_refine.aniso_B[3][3]                            ? 
_refine.aniso_B[1][2]                            ? 
_refine.aniso_B[1][3]                            ? 
_refine.aniso_B[2][3]                            ? 
_refine.solvent_model_details                    ? 
_refine.solvent_model_param_ksol                 ? 
_refine.solvent_model_param_bsol                 ? 
_refine.pdbx_ls_cross_valid_method               ? 
_refine.details                                  
'NUCLEIC ACID RNA-DNA PARAMETER FILE: G. PARKINSON,ET AL. (1996) ACTA CRYST. D52, 57-64' 
_refine.pdbx_starting_model                      'A-FORM DUPLEX' 
_refine.pdbx_method_to_determine_struct          MIR 
_refine.pdbx_isotropic_thermal_model             ? 
_refine.pdbx_stereochemistry_target_values       ? 
_refine.pdbx_stereochem_target_val_spec_case     ? 
_refine.pdbx_R_Free_selection_details            ? 
_refine.pdbx_overall_ESU_R                       ? 
_refine.pdbx_overall_ESU_R_Free                  ? 
_refine.overall_SU_ML                            ? 
_refine.overall_SU_B                             ? 
_refine.pdbx_refine_id                           'X-RAY DIFFRACTION' 
_refine.ls_redundancy_reflns_obs                 ? 
_refine.pdbx_overall_phase_error                 ? 
_refine.correlation_coeff_Fo_to_Fc               ? 
_refine.correlation_coeff_Fo_to_Fc_free          ? 
_refine.pdbx_solvent_vdw_probe_radii             ? 
_refine.pdbx_solvent_ion_probe_radii             ? 
_refine.pdbx_solvent_shrinkage_radii             ? 
_refine.overall_SU_R_Cruickshank_DPI             ? 
_refine.overall_SU_R_free                        ? 
_refine.ls_wR_factor_R_free                      ? 
_refine.ls_wR_factor_R_work                      ? 
_refine.overall_FOM_free_R_set                   ? 
_refine.overall_FOM_work_R_set                   ? 
_refine.pdbx_diffrn_id                           1 
_refine.pdbx_TLS_residual_ADP_flag               ? 
_refine.pdbx_overall_SU_R_free_Cruickshank_DPI   ? 
_refine.pdbx_overall_SU_R_Blow_DPI               ? 
_refine.pdbx_overall_SU_R_free_Blow_DPI          ? 
# 
_refine_hist.pdbx_refine_id                   'X-RAY DIFFRACTION' 
_refine_hist.cycle_id                         LAST 
_refine_hist.pdbx_number_atoms_protein        0 
_refine_hist.pdbx_number_atoms_nucleic_acid   412 
_refine_hist.pdbx_number_atoms_ligand         0 
_refine_hist.number_atoms_solvent             72 
_refine_hist.number_atoms_total               484 
_refine_hist.d_res_high                       2.300 
_refine_hist.d_res_low                        5.000 
# 
loop_
_refine_ls_restr.type 
_refine_ls_restr.dev_ideal 
_refine_ls_restr.dev_ideal_target 
_refine_ls_restr.weight 
_refine_ls_restr.number 
_refine_ls_restr.pdbx_refine_id 
_refine_ls_restr.pdbx_restraint_function 
x_bond_d                0.019 ? ? ? 'X-RAY DIFFRACTION' ? 
x_bond_d_na             ?     ? ? ? 'X-RAY DIFFRACTION' ? 
x_bond_d_prot           ?     ? ? ? 'X-RAY DIFFRACTION' ? 
x_angle_d               ?     ? ? ? 'X-RAY DIFFRACTION' ? 
x_angle_d_na            ?     ? ? ? 'X-RAY DIFFRACTION' ? 
x_angle_d_prot          ?     ? ? ? 'X-RAY DIFFRACTION' ? 
x_angle_deg             2.20  ? ? ? 'X-RAY DIFFRACTION' ? 
x_angle_deg_na          ?     ? ? ? 'X-RAY DIFFRACTION' ? 
x_angle_deg_prot        ?     ? ? ? 'X-RAY DIFFRACTION' ? 
x_dihedral_angle_d      ?     ? ? ? 'X-RAY DIFFRACTION' ? 
x_dihedral_angle_d_na   ?     ? ? ? 'X-RAY DIFFRACTION' ? 
x_dihedral_angle_d_prot ?     ? ? ? 'X-RAY DIFFRACTION' ? 
x_improper_angle_d      ?     ? ? ? 'X-RAY DIFFRACTION' ? 
x_improper_angle_d_na   ?     ? ? ? 'X-RAY DIFFRACTION' ? 
x_improper_angle_d_prot ?     ? ? ? 'X-RAY DIFFRACTION' ? 
x_mcbond_it             ?     ? ? ? 'X-RAY DIFFRACTION' ? 
x_mcangle_it            ?     ? ? ? 'X-RAY DIFFRACTION' ? 
x_scbond_it             ?     ? ? ? 'X-RAY DIFFRACTION' ? 
x_scangle_it            ?     ? ? ? 'X-RAY DIFFRACTION' ? 
# 
_refine_ls_shell.pdbx_total_number_of_bins_used   8 
_refine_ls_shell.d_res_high                       2.30 
_refine_ls_shell.d_res_low                        2.39 
_refine_ls_shell.number_reflns_R_work             117 
_refine_ls_shell.R_factor_R_work                  0.2720000 
_refine_ls_shell.percent_reflns_obs               30.00 
_refine_ls_shell.R_factor_R_free                  ? 
_refine_ls_shell.R_factor_R_free_error            ? 
_refine_ls_shell.percent_reflns_R_free            ? 
_refine_ls_shell.number_reflns_R_free             ? 
_refine_ls_shell.pdbx_refine_id                   'X-RAY DIFFRACTION' 
_refine_ls_shell.redundancy_reflns_obs            ? 
_refine_ls_shell.number_reflns_all                ? 
_refine_ls_shell.number_reflns_obs                ? 
_refine_ls_shell.R_factor_all                     ? 
# 
_struct.entry_id                  1FIX 
_struct.title                     
'THE STRUCTURE OF AN RNA/DNA HYBRID: A SUBSTRATE OF THE RIBONUCLEASE ACTIVITY OF HIV-1 REVERSE TRANSCRIPTASE' 
_struct.pdbx_model_details        ? 
_struct.pdbx_CASP_flag            ? 
_struct.pdbx_model_type_details   ? 
# 
_struct_keywords.entry_id        1FIX 
_struct_keywords.pdbx_keywords   'DNA-RNA HYBRID' 
_struct_keywords.text            'RIGHT HANDED DNA/RNA HYBRID, DOUBLE HELIX, HIV-1 PRIMER BINDING SITE, DNA-RNA HYBRID' 
# 
loop_
_struct_asym.id 
_struct_asym.pdbx_blank_PDB_chainid_flag 
_struct_asym.pdbx_modified 
_struct_asym.entity_id 
_struct_asym.details 
A N N 1 ? 
B N N 2 ? 
C N N 3 ? 
D N N 3 ? 
# 
loop_
_struct_ref.id 
_struct_ref.entity_id 
_struct_ref.db_name 
_struct_ref.db_code 
_struct_ref.pdbx_db_accession 
_struct_ref.pdbx_align_begin 
_struct_ref.pdbx_seq_one_letter_code 
_struct_ref.pdbx_db_isoform 
1 1 PDB 1FIX 1FIX ? ? ? 
2 2 PDB 1FIX 1FIX ? ? ? 
# 
loop_
_struct_ref_seq.align_id 
_struct_ref_seq.ref_id 
_struct_ref_seq.pdbx_PDB_id_code 
_struct_ref_seq.pdbx_strand_id 
_struct_ref_seq.seq_align_beg 
_struct_ref_seq.pdbx_seq_align_beg_ins_code 
_struct_ref_seq.seq_align_end 
_struct_ref_seq.pdbx_seq_align_end_ins_code 
_struct_ref_seq.pdbx_db_accession 
_struct_ref_seq.db_align_beg 
_struct_ref_seq.pdbx_db_align_beg_ins_code 
_struct_ref_seq.db_align_end 
_struct_ref_seq.pdbx_db_align_end_ins_code 
_struct_ref_seq.pdbx_auth_seq_align_beg 
_struct_ref_seq.pdbx_auth_seq_align_end 
1 1 1FIX A 1 ? 10 ? 1FIX 1  ? 10 ? 1  10 
2 2 1FIX B 1 ? 10 ? 1FIX 11 ? 20 ? 11 20 
# 
_pdbx_struct_assembly.id                   1 
_pdbx_struct_assembly.details              author_defined_assembly 
_pdbx_struct_assembly.method_details       ? 
_pdbx_struct_assembly.oligomeric_details   dimeric 
_pdbx_struct_assembly.oligomeric_count     2 
# 
_pdbx_struct_assembly_gen.assembly_id       1 
_pdbx_struct_assembly_gen.oper_expression   1 
_pdbx_struct_assembly_gen.asym_id_list      A,B,C,D 
# 
_pdbx_struct_oper_list.id                   1 
_pdbx_struct_oper_list.type                 'identity operation' 
_pdbx_struct_oper_list.name                 1_555 
_pdbx_struct_oper_list.symmetry_operation   x,y,z 
_pdbx_struct_oper_list.matrix[1][1]         1.0000000000 
_pdbx_struct_oper_list.matrix[1][2]         0.0000000000 
_pdbx_struct_oper_list.matrix[1][3]         0.0000000000 
_pdbx_struct_oper_list.vector[1]            0.0000000000 
_pdbx_struct_oper_list.matrix[2][1]         0.0000000000 
_pdbx_struct_oper_list.matrix[2][2]         1.0000000000 
_pdbx_struct_oper_list.matrix[2][3]         0.0000000000 
_pdbx_struct_oper_list.vector[2]            0.0000000000 
_pdbx_struct_oper_list.matrix[3][1]         0.0000000000 
_pdbx_struct_oper_list.matrix[3][2]         0.0000000000 
_pdbx_struct_oper_list.matrix[3][3]         1.0000000000 
_pdbx_struct_oper_list.vector[3]            0.0000000000 
# 
_struct_biol.id        1 
_struct_biol.details   ? 
# 
loop_
_struct_conn.id 
_struct_conn.conn_type_id 
_struct_conn.pdbx_leaving_atom_flag 
_struct_conn.pdbx_PDB_id 
_struct_conn.ptnr1_label_asym_id 
_struct_conn.ptnr1_label_comp_id 
_struct_conn.ptnr1_label_seq_id 
_struct_conn.ptnr1_label_atom_id 
_struct_conn.pdbx_ptnr1_label_alt_id 
_struct_conn.pdbx_ptnr1_PDB_ins_code 
_struct_conn.pdbx_ptnr1_standard_comp_id 
_struct_conn.ptnr1_symmetry 
_struct_conn.ptnr2_label_asym_id 
_struct_conn.ptnr2_label_comp_id 
_struct_conn.ptnr2_label_seq_id 
_struct_conn.ptnr2_label_atom_id 
_struct_conn.pdbx_ptnr2_label_alt_id 
_struct_conn.pdbx_ptnr2_PDB_ins_code 
_struct_conn.ptnr1_auth_asym_id 
_struct_conn.ptnr1_auth_comp_id 
_struct_conn.ptnr1_auth_seq_id 
_struct_conn.ptnr2_auth_asym_id 
_struct_conn.ptnr2_auth_comp_id 
_struct_conn.ptnr2_auth_seq_id 
_struct_conn.ptnr2_symmetry 
_struct_conn.pdbx_ptnr3_label_atom_id 
_struct_conn.pdbx_ptnr3_label_seq_id 
_struct_conn.pdbx_ptnr3_label_comp_id 
_struct_conn.pdbx_ptnr3_label_asym_id 
_struct_conn.pdbx_ptnr3_label_alt_id 
_struct_conn.pdbx_ptnr3_PDB_ins_code 
_struct_conn.details 
_struct_conn.pdbx_dist_value 
_struct_conn.pdbx_value_order 
_struct_conn.pdbx_role 
hydrog1  hydrog ? ? A U 1  N3 ? ? ? 1_555 B DA 10 N1 ? ? A U 1  B DA 20 1_555 ? ? ? ? ? ? WATSON-CRICK ? ? ? 
hydrog2  hydrog ? ? A U 1  O4 ? ? ? 1_555 B DA 10 N6 ? ? A U 1  B DA 20 1_555 ? ? ? ? ? ? WATSON-CRICK ? ? ? 
hydrog3  hydrog ? ? A U 2  N3 ? ? ? 1_555 B DA 9  N1 ? ? A U 2  B DA 19 1_555 ? ? ? ? ? ? WATSON-CRICK ? ? ? 
hydrog4  hydrog ? ? A U 2  O4 ? ? ? 1_555 B DA 9  N6 ? ? A U 2  B DA 19 1_555 ? ? ? ? ? ? WATSON-CRICK ? ? ? 
hydrog5  hydrog ? ? A C 3  N3 ? ? ? 1_555 B DG 8  N1 ? ? A C 3  B DG 18 1_555 ? ? ? ? ? ? WATSON-CRICK ? ? ? 
hydrog6  hydrog ? ? A C 3  N4 ? ? ? 1_555 B DG 8  O6 ? ? A C 3  B DG 18 1_555 ? ? ? ? ? ? WATSON-CRICK ? ? ? 
hydrog7  hydrog ? ? A C 3  O2 ? ? ? 1_555 B DG 8  N2 ? ? A C 3  B DG 18 1_555 ? ? ? ? ? ? WATSON-CRICK ? ? ? 
hydrog8  hydrog ? ? A G 4  N1 ? ? ? 1_555 B DC 7  N3 ? ? A G 4  B DC 17 1_555 ? ? ? ? ? ? WATSON-CRICK ? ? ? 
hydrog9  hydrog ? ? A G 4  N2 ? ? ? 1_555 B DC 7  O2 ? ? A G 4  B DC 17 1_555 ? ? ? ? ? ? WATSON-CRICK ? ? ? 
hydrog10 hydrog ? ? A G 4  O6 ? ? ? 1_555 B DC 7  N4 ? ? A G 4  B DC 17 1_555 ? ? ? ? ? ? WATSON-CRICK ? ? ? 
hydrog11 hydrog ? ? A G 5  N1 ? ? ? 1_555 B DC 6  N3 ? ? A G 5  B DC 16 1_555 ? ? ? ? ? ? WATSON-CRICK ? ? ? 
hydrog12 hydrog ? ? A G 5  N2 ? ? ? 1_555 B DC 6  O2 ? ? A G 5  B DC 16 1_555 ? ? ? ? ? ? WATSON-CRICK ? ? ? 
hydrog13 hydrog ? ? A G 5  O6 ? ? ? 1_555 B DC 6  N4 ? ? A G 5  B DC 16 1_555 ? ? ? ? ? ? WATSON-CRICK ? ? ? 
hydrog14 hydrog ? ? A G 6  N1 ? ? ? 1_555 B DC 5  N3 ? ? A G 6  B DC 15 1_555 ? ? ? ? ? ? WATSON-CRICK ? ? ? 
hydrog15 hydrog ? ? A G 6  N2 ? ? ? 1_555 B DC 5  O2 ? ? A G 6  B DC 15 1_555 ? ? ? ? ? ? WATSON-CRICK ? ? ? 
hydrog16 hydrog ? ? A G 6  O6 ? ? ? 1_555 B DC 5  N4 ? ? A G 6  B DC 15 1_555 ? ? ? ? ? ? WATSON-CRICK ? ? ? 
hydrog17 hydrog ? ? A C 7  N3 ? ? ? 1_555 B DG 4  N1 ? ? A C 7  B DG 14 1_555 ? ? ? ? ? ? WATSON-CRICK ? ? ? 
hydrog18 hydrog ? ? A C 7  N4 ? ? ? 1_555 B DG 4  O6 ? ? A C 7  B DG 14 1_555 ? ? ? ? ? ? WATSON-CRICK ? ? ? 
hydrog19 hydrog ? ? A C 7  O2 ? ? ? 1_555 B DG 4  N2 ? ? A C 7  B DG 14 1_555 ? ? ? ? ? ? WATSON-CRICK ? ? ? 
hydrog20 hydrog ? ? A G 8  N1 ? ? ? 1_555 B DC 3  N3 ? ? A G 8  B DC 13 1_555 ? ? ? ? ? ? WATSON-CRICK ? ? ? 
hydrog21 hydrog ? ? A G 8  N2 ? ? ? 1_555 B DC 3  O2 ? ? A G 8  B DC 13 1_555 ? ? ? ? ? ? WATSON-CRICK ? ? ? 
hydrog22 hydrog ? ? A G 8  O6 ? ? ? 1_555 B DC 3  N4 ? ? A G 8  B DC 13 1_555 ? ? ? ? ? ? WATSON-CRICK ? ? ? 
hydrog23 hydrog ? ? A C 9  N3 ? ? ? 1_555 B DG 2  N1 ? ? A C 9  B DG 12 1_555 ? ? ? ? ? ? WATSON-CRICK ? ? ? 
hydrog24 hydrog ? ? A C 9  N4 ? ? ? 1_555 B DG 2  O6 ? ? A C 9  B DG 12 1_555 ? ? ? ? ? ? WATSON-CRICK ? ? ? 
hydrog25 hydrog ? ? A C 9  O2 ? ? ? 1_555 B DG 2  N2 ? ? A C 9  B DG 12 1_555 ? ? ? ? ? ? WATSON-CRICK ? ? ? 
hydrog26 hydrog ? ? A C 10 N3 ? ? ? 1_555 B DG 1  N1 ? ? A C 10 B DG 11 1_555 ? ? ? ? ? ? WATSON-CRICK ? ? ? 
hydrog27 hydrog ? ? A C 10 N4 ? ? ? 1_555 B DG 1  O6 ? ? A C 10 B DG 11 1_555 ? ? ? ? ? ? WATSON-CRICK ? ? ? 
hydrog28 hydrog ? ? A C 10 O2 ? ? ? 1_555 B DG 1  N2 ? ? A C 10 B DG 11 1_555 ? ? ? ? ? ? WATSON-CRICK ? ? ? 
# 
_struct_conn_type.id          hydrog 
_struct_conn_type.criteria    ? 
_struct_conn_type.reference   ? 
# 
_pdbx_validate_rmsd_angle.id                         1 
_pdbx_validate_rmsd_angle.PDB_model_num              1 
_pdbx_validate_rmsd_angle.auth_atom_id_1             "O4'" 
_pdbx_validate_rmsd_angle.auth_asym_id_1             B 
_pdbx_validate_rmsd_angle.auth_comp_id_1             DC 
_pdbx_validate_rmsd_angle.auth_seq_id_1              15 
_pdbx_validate_rmsd_angle.PDB_ins_code_1             ? 
_pdbx_validate_rmsd_angle.label_alt_id_1             ? 
_pdbx_validate_rmsd_angle.auth_atom_id_2             "C4'" 
_pdbx_validate_rmsd_angle.auth_asym_id_2             B 
_pdbx_validate_rmsd_angle.auth_comp_id_2             DC 
_pdbx_validate_rmsd_angle.auth_seq_id_2              15 
_pdbx_validate_rmsd_angle.PDB_ins_code_2             ? 
_pdbx_validate_rmsd_angle.label_alt_id_2             ? 
_pdbx_validate_rmsd_angle.auth_atom_id_3             "C3'" 
_pdbx_validate_rmsd_angle.auth_asym_id_3             B 
_pdbx_validate_rmsd_angle.auth_comp_id_3             DC 
_pdbx_validate_rmsd_angle.auth_seq_id_3              15 
_pdbx_validate_rmsd_angle.PDB_ins_code_3             ? 
_pdbx_validate_rmsd_angle.label_alt_id_3             ? 
_pdbx_validate_rmsd_angle.angle_value                101.92 
_pdbx_validate_rmsd_angle.angle_target_value         104.50 
_pdbx_validate_rmsd_angle.angle_deviation            -2.58 
_pdbx_validate_rmsd_angle.angle_standard_deviation   0.40 
_pdbx_validate_rmsd_angle.linker_flag                N 
# 
loop_
_pdbx_validate_planes.id 
_pdbx_validate_planes.PDB_model_num 
_pdbx_validate_planes.auth_comp_id 
_pdbx_validate_planes.auth_asym_id 
_pdbx_validate_planes.auth_seq_id 
_pdbx_validate_planes.PDB_ins_code 
_pdbx_validate_planes.label_alt_id 
_pdbx_validate_planes.rmsd 
_pdbx_validate_planes.type 
1 1 U A 2 ? ? 0.084 'SIDE CHAIN' 
2 1 G A 5 ? ? 0.057 'SIDE CHAIN' 
# 
loop_
_refine_B_iso.class 
_refine_B_iso.details 
_refine_B_iso.treatment 
_refine_B_iso.pdbx_refine_id 
'ALL ATOMS'  TR isotropic 'X-RAY DIFFRACTION' 
'ALL WATERS' TR isotropic 'X-RAY DIFFRACTION' 
# 
loop_
_refine_occupancy.class 
_refine_occupancy.treatment 
_refine_occupancy.pdbx_refine_id 
'ALL ATOMS'  fix 'X-RAY DIFFRACTION' 
'ALL WATERS' fix 'X-RAY DIFFRACTION' 
# 
loop_
_chem_comp_atom.comp_id 
_chem_comp_atom.atom_id 
_chem_comp_atom.type_symbol 
_chem_comp_atom.pdbx_aromatic_flag 
_chem_comp_atom.pdbx_stereo_config 
_chem_comp_atom.pdbx_ordinal 
C   OP3    O N N 1   
C   P      P N N 2   
C   OP1    O N N 3   
C   OP2    O N N 4   
C   "O5'"  O N N 5   
C   "C5'"  C N N 6   
C   "C4'"  C N R 7   
C   "O4'"  O N N 8   
C   "C3'"  C N S 9   
C   "O3'"  O N N 10  
C   "C2'"  C N R 11  
C   "O2'"  O N N 12  
C   "C1'"  C N R 13  
C   N1     N N N 14  
C   C2     C N N 15  
C   O2     O N N 16  
C   N3     N N N 17  
C   C4     C N N 18  
C   N4     N N N 19  
C   C5     C N N 20  
C   C6     C N N 21  
C   HOP3   H N N 22  
C   HOP2   H N N 23  
C   "H5'"  H N N 24  
C   "H5''" H N N 25  
C   "H4'"  H N N 26  
C   "H3'"  H N N 27  
C   "HO3'" H N N 28  
C   "H2'"  H N N 29  
C   "HO2'" H N N 30  
C   "H1'"  H N N 31  
C   H41    H N N 32  
C   H42    H N N 33  
C   H5     H N N 34  
C   H6     H N N 35  
DA  OP3    O N N 36  
DA  P      P N N 37  
DA  OP1    O N N 38  
DA  OP2    O N N 39  
DA  "O5'"  O N N 40  
DA  "C5'"  C N N 41  
DA  "C4'"  C N R 42  
DA  "O4'"  O N N 43  
DA  "C3'"  C N S 44  
DA  "O3'"  O N N 45  
DA  "C2'"  C N N 46  
DA  "C1'"  C N R 47  
DA  N9     N Y N 48  
DA  C8     C Y N 49  
DA  N7     N Y N 50  
DA  C5     C Y N 51  
DA  C6     C Y N 52  
DA  N6     N N N 53  
DA  N1     N Y N 54  
DA  C2     C Y N 55  
DA  N3     N Y N 56  
DA  C4     C Y N 57  
DA  HOP3   H N N 58  
DA  HOP2   H N N 59  
DA  "H5'"  H N N 60  
DA  "H5''" H N N 61  
DA  "H4'"  H N N 62  
DA  "H3'"  H N N 63  
DA  "HO3'" H N N 64  
DA  "H2'"  H N N 65  
DA  "H2''" H N N 66  
DA  "H1'"  H N N 67  
DA  H8     H N N 68  
DA  H61    H N N 69  
DA  H62    H N N 70  
DA  H2     H N N 71  
DC  OP3    O N N 72  
DC  P      P N N 73  
DC  OP1    O N N 74  
DC  OP2    O N N 75  
DC  "O5'"  O N N 76  
DC  "C5'"  C N N 77  
DC  "C4'"  C N R 78  
DC  "O4'"  O N N 79  
DC  "C3'"  C N S 80  
DC  "O3'"  O N N 81  
DC  "C2'"  C N N 82  
DC  "C1'"  C N R 83  
DC  N1     N N N 84  
DC  C2     C N N 85  
DC  O2     O N N 86  
DC  N3     N N N 87  
DC  C4     C N N 88  
DC  N4     N N N 89  
DC  C5     C N N 90  
DC  C6     C N N 91  
DC  HOP3   H N N 92  
DC  HOP2   H N N 93  
DC  "H5'"  H N N 94  
DC  "H5''" H N N 95  
DC  "H4'"  H N N 96  
DC  "H3'"  H N N 97  
DC  "HO3'" H N N 98  
DC  "H2'"  H N N 99  
DC  "H2''" H N N 100 
DC  "H1'"  H N N 101 
DC  H41    H N N 102 
DC  H42    H N N 103 
DC  H5     H N N 104 
DC  H6     H N N 105 
DG  OP3    O N N 106 
DG  P      P N N 107 
DG  OP1    O N N 108 
DG  OP2    O N N 109 
DG  "O5'"  O N N 110 
DG  "C5'"  C N N 111 
DG  "C4'"  C N R 112 
DG  "O4'"  O N N 113 
DG  "C3'"  C N S 114 
DG  "O3'"  O N N 115 
DG  "C2'"  C N N 116 
DG  "C1'"  C N R 117 
DG  N9     N Y N 118 
DG  C8     C Y N 119 
DG  N7     N Y N 120 
DG  C5     C Y N 121 
DG  C6     C N N 122 
DG  O6     O N N 123 
DG  N1     N N N 124 
DG  C2     C N N 125 
DG  N2     N N N 126 
DG  N3     N N N 127 
DG  C4     C Y N 128 
DG  HOP3   H N N 129 
DG  HOP2   H N N 130 
DG  "H5'"  H N N 131 
DG  "H5''" H N N 132 
DG  "H4'"  H N N 133 
DG  "H3'"  H N N 134 
DG  "HO3'" H N N 135 
DG  "H2'"  H N N 136 
DG  "H2''" H N N 137 
DG  "H1'"  H N N 138 
DG  H8     H N N 139 
DG  H1     H N N 140 
DG  H21    H N N 141 
DG  H22    H N N 142 
G   OP3    O N N 143 
G   P      P N N 144 
G   OP1    O N N 145 
G   OP2    O N N 146 
G   "O5'"  O N N 147 
G   "C5'"  C N N 148 
G   "C4'"  C N R 149 
G   "O4'"  O N N 150 
G   "C3'"  C N S 151 
G   "O3'"  O N N 152 
G   "C2'"  C N R 153 
G   "O2'"  O N N 154 
G   "C1'"  C N R 155 
G   N9     N Y N 156 
G   C8     C Y N 157 
G   N7     N Y N 158 
G   C5     C Y N 159 
G   C6     C N N 160 
G   O6     O N N 161 
G   N1     N N N 162 
G   C2     C N N 163 
G   N2     N N N 164 
G   N3     N N N 165 
G   C4     C Y N 166 
G   HOP3   H N N 167 
G   HOP2   H N N 168 
G   "H5'"  H N N 169 
G   "H5''" H N N 170 
G   "H4'"  H N N 171 
G   "H3'"  H N N 172 
G   "HO3'" H N N 173 
G   "H2'"  H N N 174 
G   "HO2'" H N N 175 
G   "H1'"  H N N 176 
G   H8     H N N 177 
G   H1     H N N 178 
G   H21    H N N 179 
G   H22    H N N 180 
HOH O      O N N 181 
HOH H1     H N N 182 
HOH H2     H N N 183 
U   OP3    O N N 184 
U   P      P N N 185 
U   OP1    O N N 186 
U   OP2    O N N 187 
U   "O5'"  O N N 188 
U   "C5'"  C N N 189 
U   "C4'"  C N R 190 
U   "O4'"  O N N 191 
U   "C3'"  C N S 192 
U   "O3'"  O N N 193 
U   "C2'"  C N R 194 
U   "O2'"  O N N 195 
U   "C1'"  C N R 196 
U   N1     N N N 197 
U   C2     C N N 198 
U   O2     O N N 199 
U   N3     N N N 200 
U   C4     C N N 201 
U   O4     O N N 202 
U   C5     C N N 203 
U   C6     C N N 204 
U   HOP3   H N N 205 
U   HOP2   H N N 206 
U   "H5'"  H N N 207 
U   "H5''" H N N 208 
U   "H4'"  H N N 209 
U   "H3'"  H N N 210 
U   "HO3'" H N N 211 
U   "H2'"  H N N 212 
U   "HO2'" H N N 213 
U   "H1'"  H N N 214 
U   H3     H N N 215 
U   H5     H N N 216 
U   H6     H N N 217 
# 
loop_
_chem_comp_bond.comp_id 
_chem_comp_bond.atom_id_1 
_chem_comp_bond.atom_id_2 
_chem_comp_bond.value_order 
_chem_comp_bond.pdbx_aromatic_flag 
_chem_comp_bond.pdbx_stereo_config 
_chem_comp_bond.pdbx_ordinal 
C   OP3   P      sing N N 1   
C   OP3   HOP3   sing N N 2   
C   P     OP1    doub N N 3   
C   P     OP2    sing N N 4   
C   P     "O5'"  sing N N 5   
C   OP2   HOP2   sing N N 6   
C   "O5'" "C5'"  sing N N 7   
C   "C5'" "C4'"  sing N N 8   
C   "C5'" "H5'"  sing N N 9   
C   "C5'" "H5''" sing N N 10  
C   "C4'" "O4'"  sing N N 11  
C   "C4'" "C3'"  sing N N 12  
C   "C4'" "H4'"  sing N N 13  
C   "O4'" "C1'"  sing N N 14  
C   "C3'" "O3'"  sing N N 15  
C   "C3'" "C2'"  sing N N 16  
C   "C3'" "H3'"  sing N N 17  
C   "O3'" "HO3'" sing N N 18  
C   "C2'" "O2'"  sing N N 19  
C   "C2'" "C1'"  sing N N 20  
C   "C2'" "H2'"  sing N N 21  
C   "O2'" "HO2'" sing N N 22  
C   "C1'" N1     sing N N 23  
C   "C1'" "H1'"  sing N N 24  
C   N1    C2     sing N N 25  
C   N1    C6     sing N N 26  
C   C2    O2     doub N N 27  
C   C2    N3     sing N N 28  
C   N3    C4     doub N N 29  
C   C4    N4     sing N N 30  
C   C4    C5     sing N N 31  
C   N4    H41    sing N N 32  
C   N4    H42    sing N N 33  
C   C5    C6     doub N N 34  
C   C5    H5     sing N N 35  
C   C6    H6     sing N N 36  
DA  OP3   P      sing N N 37  
DA  OP3   HOP3   sing N N 38  
DA  P     OP1    doub N N 39  
DA  P     OP2    sing N N 40  
DA  P     "O5'"  sing N N 41  
DA  OP2   HOP2   sing N N 42  
DA  "O5'" "C5'"  sing N N 43  
DA  "C5'" "C4'"  sing N N 44  
DA  "C5'" "H5'"  sing N N 45  
DA  "C5'" "H5''" sing N N 46  
DA  "C4'" "O4'"  sing N N 47  
DA  "C4'" "C3'"  sing N N 48  
DA  "C4'" "H4'"  sing N N 49  
DA  "O4'" "C1'"  sing N N 50  
DA  "C3'" "O3'"  sing N N 51  
DA  "C3'" "C2'"  sing N N 52  
DA  "C3'" "H3'"  sing N N 53  
DA  "O3'" "HO3'" sing N N 54  
DA  "C2'" "C1'"  sing N N 55  
DA  "C2'" "H2'"  sing N N 56  
DA  "C2'" "H2''" sing N N 57  
DA  "C1'" N9     sing N N 58  
DA  "C1'" "H1'"  sing N N 59  
DA  N9    C8     sing Y N 60  
DA  N9    C4     sing Y N 61  
DA  C8    N7     doub Y N 62  
DA  C8    H8     sing N N 63  
DA  N7    C5     sing Y N 64  
DA  C5    C6     sing Y N 65  
DA  C5    C4     doub Y N 66  
DA  C6    N6     sing N N 67  
DA  C6    N1     doub Y N 68  
DA  N6    H61    sing N N 69  
DA  N6    H62    sing N N 70  
DA  N1    C2     sing Y N 71  
DA  C2    N3     doub Y N 72  
DA  C2    H2     sing N N 73  
DA  N3    C4     sing Y N 74  
DC  OP3   P      sing N N 75  
DC  OP3   HOP3   sing N N 76  
DC  P     OP1    doub N N 77  
DC  P     OP2    sing N N 78  
DC  P     "O5'"  sing N N 79  
DC  OP2   HOP2   sing N N 80  
DC  "O5'" "C5'"  sing N N 81  
DC  "C5'" "C4'"  sing N N 82  
DC  "C5'" "H5'"  sing N N 83  
DC  "C5'" "H5''" sing N N 84  
DC  "C4'" "O4'"  sing N N 85  
DC  "C4'" "C3'"  sing N N 86  
DC  "C4'" "H4'"  sing N N 87  
DC  "O4'" "C1'"  sing N N 88  
DC  "C3'" "O3'"  sing N N 89  
DC  "C3'" "C2'"  sing N N 90  
DC  "C3'" "H3'"  sing N N 91  
DC  "O3'" "HO3'" sing N N 92  
DC  "C2'" "C1'"  sing N N 93  
DC  "C2'" "H2'"  sing N N 94  
DC  "C2'" "H2''" sing N N 95  
DC  "C1'" N1     sing N N 96  
DC  "C1'" "H1'"  sing N N 97  
DC  N1    C2     sing N N 98  
DC  N1    C6     sing N N 99  
DC  C2    O2     doub N N 100 
DC  C2    N3     sing N N 101 
DC  N3    C4     doub N N 102 
DC  C4    N4     sing N N 103 
DC  C4    C5     sing N N 104 
DC  N4    H41    sing N N 105 
DC  N4    H42    sing N N 106 
DC  C5    C6     doub N N 107 
DC  C5    H5     sing N N 108 
DC  C6    H6     sing N N 109 
DG  OP3   P      sing N N 110 
DG  OP3   HOP3   sing N N 111 
DG  P     OP1    doub N N 112 
DG  P     OP2    sing N N 113 
DG  P     "O5'"  sing N N 114 
DG  OP2   HOP2   sing N N 115 
DG  "O5'" "C5'"  sing N N 116 
DG  "C5'" "C4'"  sing N N 117 
DG  "C5'" "H5'"  sing N N 118 
DG  "C5'" "H5''" sing N N 119 
DG  "C4'" "O4'"  sing N N 120 
DG  "C4'" "C3'"  sing N N 121 
DG  "C4'" "H4'"  sing N N 122 
DG  "O4'" "C1'"  sing N N 123 
DG  "C3'" "O3'"  sing N N 124 
DG  "C3'" "C2'"  sing N N 125 
DG  "C3'" "H3'"  sing N N 126 
DG  "O3'" "HO3'" sing N N 127 
DG  "C2'" "C1'"  sing N N 128 
DG  "C2'" "H2'"  sing N N 129 
DG  "C2'" "H2''" sing N N 130 
DG  "C1'" N9     sing N N 131 
DG  "C1'" "H1'"  sing N N 132 
DG  N9    C8     sing Y N 133 
DG  N9    C4     sing Y N 134 
DG  C8    N7     doub Y N 135 
DG  C8    H8     sing N N 136 
DG  N7    C5     sing Y N 137 
DG  C5    C6     sing N N 138 
DG  C5    C4     doub Y N 139 
DG  C6    O6     doub N N 140 
DG  C6    N1     sing N N 141 
DG  N1    C2     sing N N 142 
DG  N1    H1     sing N N 143 
DG  C2    N2     sing N N 144 
DG  C2    N3     doub N N 145 
DG  N2    H21    sing N N 146 
DG  N2    H22    sing N N 147 
DG  N3    C4     sing N N 148 
G   OP3   P      sing N N 149 
G   OP3   HOP3   sing N N 150 
G   P     OP1    doub N N 151 
G   P     OP2    sing N N 152 
G   P     "O5'"  sing N N 153 
G   OP2   HOP2   sing N N 154 
G   "O5'" "C5'"  sing N N 155 
G   "C5'" "C4'"  sing N N 156 
G   "C5'" "H5'"  sing N N 157 
G   "C5'" "H5''" sing N N 158 
G   "C4'" "O4'"  sing N N 159 
G   "C4'" "C3'"  sing N N 160 
G   "C4'" "H4'"  sing N N 161 
G   "O4'" "C1'"  sing N N 162 
G   "C3'" "O3'"  sing N N 163 
G   "C3'" "C2'"  sing N N 164 
G   "C3'" "H3'"  sing N N 165 
G   "O3'" "HO3'" sing N N 166 
G   "C2'" "O2'"  sing N N 167 
G   "C2'" "C1'"  sing N N 168 
G   "C2'" "H2'"  sing N N 169 
G   "O2'" "HO2'" sing N N 170 
G   "C1'" N9     sing N N 171 
G   "C1'" "H1'"  sing N N 172 
G   N9    C8     sing Y N 173 
G   N9    C4     sing Y N 174 
G   C8    N7     doub Y N 175 
G   C8    H8     sing N N 176 
G   N7    C5     sing Y N 177 
G   C5    C6     sing N N 178 
G   C5    C4     doub Y N 179 
G   C6    O6     doub N N 180 
G   C6    N1     sing N N 181 
G   N1    C2     sing N N 182 
G   N1    H1     sing N N 183 
G   C2    N2     sing N N 184 
G   C2    N3     doub N N 185 
G   N2    H21    sing N N 186 
G   N2    H22    sing N N 187 
G   N3    C4     sing N N 188 
HOH O     H1     sing N N 189 
HOH O     H2     sing N N 190 
U   OP3   P      sing N N 191 
U   OP3   HOP3   sing N N 192 
U   P     OP1    doub N N 193 
U   P     OP2    sing N N 194 
U   P     "O5'"  sing N N 195 
U   OP2   HOP2   sing N N 196 
U   "O5'" "C5'"  sing N N 197 
U   "C5'" "C4'"  sing N N 198 
U   "C5'" "H5'"  sing N N 199 
U   "C5'" "H5''" sing N N 200 
U   "C4'" "O4'"  sing N N 201 
U   "C4'" "C3'"  sing N N 202 
U   "C4'" "H4'"  sing N N 203 
U   "O4'" "C1'"  sing N N 204 
U   "C3'" "O3'"  sing N N 205 
U   "C3'" "C2'"  sing N N 206 
U   "C3'" "H3'"  sing N N 207 
U   "O3'" "HO3'" sing N N 208 
U   "C2'" "O2'"  sing N N 209 
U   "C2'" "C1'"  sing N N 210 
U   "C2'" "H2'"  sing N N 211 
U   "O2'" "HO2'" sing N N 212 
U   "C1'" N1     sing N N 213 
U   "C1'" "H1'"  sing N N 214 
U   N1    C2     sing N N 215 
U   N1    C6     sing N N 216 
U   C2    O2     doub N N 217 
U   C2    N3     sing N N 218 
U   N3    C4     sing N N 219 
U   N3    H3     sing N N 220 
U   C4    O4     doub N N 221 
U   C4    C5     sing N N 222 
U   C5    C6     doub N N 223 
U   C5    H5     sing N N 224 
U   C6    H6     sing N N 225 
# 
loop_
_ndb_struct_conf_na.entry_id 
_ndb_struct_conf_na.feature 
1FIX 'double helix'        
1FIX 'a-form double helix' 
# 
loop_
_ndb_struct_na_base_pair.model_number 
_ndb_struct_na_base_pair.i_label_asym_id 
_ndb_struct_na_base_pair.i_label_comp_id 
_ndb_struct_na_base_pair.i_label_seq_id 
_ndb_struct_na_base_pair.i_symmetry 
_ndb_struct_na_base_pair.j_label_asym_id 
_ndb_struct_na_base_pair.j_label_comp_id 
_ndb_struct_na_base_pair.j_label_seq_id 
_ndb_struct_na_base_pair.j_symmetry 
_ndb_struct_na_base_pair.shear 
_ndb_struct_na_base_pair.stretch 
_ndb_struct_na_base_pair.stagger 
_ndb_struct_na_base_pair.buckle 
_ndb_struct_na_base_pair.propeller 
_ndb_struct_na_base_pair.opening 
_ndb_struct_na_base_pair.pair_number 
_ndb_struct_na_base_pair.pair_name 
_ndb_struct_na_base_pair.i_auth_asym_id 
_ndb_struct_na_base_pair.i_auth_seq_id 
_ndb_struct_na_base_pair.i_PDB_ins_code 
_ndb_struct_na_base_pair.j_auth_asym_id 
_ndb_struct_na_base_pair.j_auth_seq_id 
_ndb_struct_na_base_pair.j_PDB_ins_code 
_ndb_struct_na_base_pair.hbond_type_28 
_ndb_struct_na_base_pair.hbond_type_12 
1 A U 1  1_555 B DA 10 1_555 0.212  -0.284 -0.128 -0.816  -18.085 -1.761 1  A_U1:DA20_B  A 1  ? B 20 ? 20 1 
1 A U 2  1_555 B DA 9  1_555 -0.163 -0.188 -0.379 5.424   -19.443 3.450  2  A_U2:DA19_B  A 2  ? B 19 ? 20 1 
1 A C 3  1_555 B DG 8  1_555 0.132  -0.257 0.319  -6.727  -16.172 -3.063 3  A_C3:DG18_B  A 3  ? B 18 ? 19 1 
1 A G 4  1_555 B DC 7  1_555 -0.539 -0.153 -0.005 -8.560  -17.579 3.867  4  A_G4:DC17_B  A 4  ? B 17 ? 19 1 
1 A G 5  1_555 B DC 6  1_555 -0.573 -0.349 -0.335 -17.608 -11.474 -3.315 5  A_G5:DC16_B  A 5  ? B 16 ? 19 1 
1 A G 6  1_555 B DC 5  1_555 -0.511 -0.325 -0.249 -9.687  -14.621 -2.135 6  A_G6:DC15_B  A 6  ? B 15 ? 19 1 
1 A C 7  1_555 B DG 4  1_555 0.168  -0.172 0.136  -3.795  -8.436  2.779  7  A_C7:DG14_B  A 7  ? B 14 ? 19 1 
1 A G 8  1_555 B DC 3  1_555 -0.396 -0.137 -0.156 -9.449  -11.290 2.093  8  A_G8:DC13_B  A 8  ? B 13 ? 19 1 
1 A C 9  1_555 B DG 2  1_555 0.144  -0.289 -0.134 0.781   -10.375 2.972  9  A_C9:DG12_B  A 9  ? B 12 ? 19 1 
1 A C 10 1_555 B DG 1  1_555 0.078  -0.318 0.025  2.086   7.245   -0.960 10 A_C10:DG11_B A 10 ? B 11 ? 19 1 
# 
loop_
_ndb_struct_na_base_pair_step.model_number 
_ndb_struct_na_base_pair_step.i_label_asym_id_1 
_ndb_struct_na_base_pair_step.i_label_comp_id_1 
_ndb_struct_na_base_pair_step.i_label_seq_id_1 
_ndb_struct_na_base_pair_step.i_symmetry_1 
_ndb_struct_na_base_pair_step.j_label_asym_id_1 
_ndb_struct_na_base_pair_step.j_label_comp_id_1 
_ndb_struct_na_base_pair_step.j_label_seq_id_1 
_ndb_struct_na_base_pair_step.j_symmetry_1 
_ndb_struct_na_base_pair_step.i_label_asym_id_2 
_ndb_struct_na_base_pair_step.i_label_comp_id_2 
_ndb_struct_na_base_pair_step.i_label_seq_id_2 
_ndb_struct_na_base_pair_step.i_symmetry_2 
_ndb_struct_na_base_pair_step.j_label_asym_id_2 
_ndb_struct_na_base_pair_step.j_label_comp_id_2 
_ndb_struct_na_base_pair_step.j_label_seq_id_2 
_ndb_struct_na_base_pair_step.j_symmetry_2 
_ndb_struct_na_base_pair_step.shift 
_ndb_struct_na_base_pair_step.slide 
_ndb_struct_na_base_pair_step.rise 
_ndb_struct_na_base_pair_step.tilt 
_ndb_struct_na_base_pair_step.roll 
_ndb_struct_na_base_pair_step.twist 
_ndb_struct_na_base_pair_step.x_displacement 
_ndb_struct_na_base_pair_step.y_displacement 
_ndb_struct_na_base_pair_step.helical_rise 
_ndb_struct_na_base_pair_step.inclination 
_ndb_struct_na_base_pair_step.tip 
_ndb_struct_na_base_pair_step.helical_twist 
_ndb_struct_na_base_pair_step.step_number 
_ndb_struct_na_base_pair_step.step_name 
_ndb_struct_na_base_pair_step.i_auth_asym_id_1 
_ndb_struct_na_base_pair_step.i_auth_seq_id_1 
_ndb_struct_na_base_pair_step.i_PDB_ins_code_1 
_ndb_struct_na_base_pair_step.j_auth_asym_id_1 
_ndb_struct_na_base_pair_step.j_auth_seq_id_1 
_ndb_struct_na_base_pair_step.j_PDB_ins_code_1 
_ndb_struct_na_base_pair_step.i_auth_asym_id_2 
_ndb_struct_na_base_pair_step.i_auth_seq_id_2 
_ndb_struct_na_base_pair_step.i_PDB_ins_code_2 
_ndb_struct_na_base_pair_step.j_auth_asym_id_2 
_ndb_struct_na_base_pair_step.j_auth_seq_id_2 
_ndb_struct_na_base_pair_step.j_PDB_ins_code_2 
1 A U 1 1_555 B DA 10 1_555 A U 2  1_555 B DA 9 1_555 0.308  -0.472 2.994 3.842  9.291  33.521 -2.054 0.012  2.786 15.675 -6.483 
34.955 1 AA_U1U2:DA19DA20_BB  A 1 ? B 20 ? A 2  ? B 19 ? 
1 A U 2 1_555 B DA 9  1_555 A C 3  1_555 B DG 8 1_555 0.413  -0.770 3.737 -6.209 7.182  36.041 -2.267 -1.564 3.411 11.366 9.827  
37.230 2 AA_U2C3:DG18DA19_BB  A 2 ? B 19 ? A 3  ? B 18 ? 
1 A C 3 1_555 B DG 8  1_555 A G 4  1_555 B DC 7 1_555 0.472  -1.853 3.149 1.751  9.702  27.244 -5.583 -0.606 2.386 19.793 -3.572 
28.942 3 AA_C3G4:DC17DG18_BB  A 3 ? B 18 ? A 4  ? B 17 ? 
1 A G 4 1_555 B DC 7  1_555 A G 5  1_555 B DC 6 1_555 -1.187 -1.541 3.450 -0.851 11.580 33.619 -4.195 1.823  2.811 19.319 1.419  
35.513 4 AA_G4G5:DC16DC17_BB  A 4 ? B 17 ? A 5  ? B 16 ? 
1 A G 5 1_555 B DC 6  1_555 A G 6  1_555 B DC 5 1_555 1.034  -1.824 3.255 2.672  12.445 26.336 -6.028 -1.534 2.271 25.506 -5.477 
29.202 5 AA_G5G6:DC15DC16_BB  A 5 ? B 16 ? A 6  ? B 15 ? 
1 A G 6 1_555 B DC 5  1_555 A C 7  1_555 B DG 4 1_555 0.407  -1.221 3.144 -1.844 5.997  35.049 -2.808 -0.915 2.878 9.859  3.032  
35.588 6 AA_G6C7:DG14DC15_BB  A 6 ? B 15 ? A 7  ? B 14 ? 
1 A C 7 1_555 B DG 4  1_555 A G 8  1_555 B DC 3 1_555 0.403  -1.691 3.392 4.154  7.888  27.966 -5.003 0.080  2.848 15.820 -8.331 
29.325 7 AA_C7G8:DC13DG14_BB  A 7 ? B 14 ? A 8  ? B 13 ? 
1 A G 8 1_555 B DC 3  1_555 A C 9  1_555 B DG 2 1_555 0.123  -1.066 3.113 1.113  2.741  34.294 -2.203 -0.045 3.024 4.638  -1.883 
34.417 8 AA_G8C9:DG12DC13_BB  A 8 ? B 13 ? A 9  ? B 12 ? 
1 A C 9 1_555 B DG 2  1_555 A C 10 1_555 B DG 1 1_555 -0.108 -1.679 3.476 0.603  4.837  31.931 -3.898 0.305  3.192 8.729  -1.089 
32.291 9 AA_C9C10:DG11DG12_BB A 9 ? B 12 ? A 10 ? B 11 ? 
# 
_pdbx_initial_refinement_model.accession_code   ? 
_pdbx_initial_refinement_model.id               1 
_pdbx_initial_refinement_model.entity_id_list   ? 
_pdbx_initial_refinement_model.type             'in silico model' 
_pdbx_initial_refinement_model.source_name      Other 
_pdbx_initial_refinement_model.details          'A-form RNA/DNA duplex' 
# 
_atom_sites.entry_id                    1FIX 
_atom_sites.Cartn_transform_axes        ? 
_atom_sites.fract_transf_matrix[1][1]   0.03177212 
_atom_sites.fract_transf_matrix[1][2]   0.00282899 
_atom_sites.fract_transf_matrix[1][3]   -0.00180778 
_atom_sites.fract_transf_matrix[2][1]   0.00289183 
_atom_sites.fract_transf_matrix[2][2]   -0.03180018 
_atom_sites.fract_transf_matrix[2][3]   0.00106055 
_atom_sites.fract_transf_matrix[3][1]   -0.00038765 
_atom_sites.fract_transf_matrix[3][2]   -0.00027692 
_atom_sites.fract_transf_matrix[3][3]   -0.00724636 
_atom_sites.fract_transf_vector[1]      1.678189 
_atom_sites.fract_transf_vector[2]      1.168667 
_atom_sites.fract_transf_vector[3]      0.100420 
# 
loop_
_atom_type.symbol 
C 
N 
O 
P 
# 
loop_
_atom_site.group_PDB 
_atom_site.id 
_atom_site.type_symbol 
_atom_site.label_atom_id 
_atom_site.label_alt_id 
_atom_site.label_comp_id 
_atom_site.label_asym_id 
_atom_site.label_entity_id 
_atom_site.label_seq_id 
_atom_site.pdbx_PDB_ins_code 
_atom_site.Cartn_x 
_atom_site.Cartn_y 
_atom_site.Cartn_z 
_atom_site.occupancy 
_atom_site.B_iso_or_equiv 
_atom_site.pdbx_formal_charge 
_atom_site.auth_seq_id 
_atom_site.auth_comp_id 
_atom_site.auth_asym_id 
_atom_site.auth_atom_id 
_atom_site.pdbx_PDB_model_num 
ATOM   1   O "O5'" . U   A 1 1  ? 3.119   -3.739  11.799  1.00 49.99  ? 1  U   A "O5'" 1 
ATOM   2   C "C5'" . U   A 1 1  ? 3.268   -4.996  12.495  1.00 46.88  ? 1  U   A "C5'" 1 
ATOM   3   C "C4'" . U   A 1 1  ? 1.928   -5.673  12.647  1.00 43.07  ? 1  U   A "C4'" 1 
ATOM   4   O "O4'" . U   A 1 1  ? 1.041   -4.837  13.439  1.00 46.14  ? 1  U   A "O4'" 1 
ATOM   5   C "C3'" . U   A 1 1  ? 1.148   -5.852  11.374  1.00 41.88  ? 1  U   A "C3'" 1 
ATOM   6   O "O3'" . U   A 1 1  ? 1.629   -6.985  10.700  1.00 46.45  ? 1  U   A "O3'" 1 
ATOM   7   C "C2'" . U   A 1 1  ? -0.259  -6.068  11.915  1.00 42.16  ? 1  U   A "C2'" 1 
ATOM   8   O "O2'" . U   A 1 1  ? -0.407  -7.325  12.526  1.00 44.54  ? 1  U   A "O2'" 1 
ATOM   9   C "C1'" . U   A 1 1  ? -0.303  -5.060  13.055  1.00 40.57  ? 1  U   A "C1'" 1 
ATOM   10  N N1    . U   A 1 1  ? -0.929  -3.771  12.727  1.00 36.99  ? 1  U   A N1    1 
ATOM   11  C C2    . U   A 1 1  ? -2.302  -3.701  12.796  1.00 37.18  ? 1  U   A C2    1 
ATOM   12  O O2    . U   A 1 1  ? -3.004  -4.656  13.055  1.00 44.42  ? 1  U   A O2    1 
ATOM   13  N N3    . U   A 1 1  ? -2.839  -2.473  12.547  1.00 36.55  ? 1  U   A N3    1 
ATOM   14  C C4    . U   A 1 1  ? -2.168  -1.332  12.236  1.00 36.25  ? 1  U   A C4    1 
ATOM   15  O O4    . U   A 1 1  ? -2.800  -0.278  12.136  1.00 37.77  ? 1  U   A O4    1 
ATOM   16  C C5    . U   A 1 1  ? -0.750  -1.482  12.145  1.00 35.31  ? 1  U   A C5    1 
ATOM   17  C C6    . U   A 1 1  ? -0.191  -2.675  12.387  1.00 35.70  ? 1  U   A C6    1 
ATOM   18  P P     . U   A 1 2  ? 1.604   -7.033  9.090   1.00 52.11  ? 2  U   A P     1 
ATOM   19  O OP1   . U   A 1 2  ? 2.447   -8.181  8.685   1.00 50.30  ? 2  U   A OP1   1 
ATOM   20  O OP2   . U   A 1 2  ? 1.924   -5.662  8.581   1.00 49.03  ? 2  U   A OP2   1 
ATOM   21  O "O5'" . U   A 1 2  ? 0.081   -7.383  8.723   1.00 51.37  ? 2  U   A "O5'" 1 
ATOM   22  C "C5'" . U   A 1 2  ? -0.505  -8.649  9.107   1.00 49.07  ? 2  U   A "C5'" 1 
ATOM   23  C "C4'" . U   A 1 2  ? -2.019  -8.576  9.059   1.00 48.22  ? 2  U   A "C4'" 1 
ATOM   24  O "O4'" . U   A 1 2  ? -2.483  -7.560  9.972   1.00 47.31  ? 2  U   A "O4'" 1 
ATOM   25  C "C3'" . U   A 1 2  ? -2.633  -8.156  7.740   1.00 49.76  ? 2  U   A "C3'" 1 
ATOM   26  O "O3'" . U   A 1 2  ? -2.772  -9.246  6.859   1.00 50.09  ? 2  U   A "O3'" 1 
ATOM   27  C "C2'" . U   A 1 2  ? -3.996  -7.638  8.162   1.00 50.32  ? 2  U   A "C2'" 1 
ATOM   28  O "O2'" . U   A 1 2  ? -4.944  -8.645  8.454   1.00 56.97  ? 2  U   A "O2'" 1 
ATOM   29  C "C1'" . U   A 1 2  ? -3.649  -6.945  9.466   1.00 45.95  ? 2  U   A "C1'" 1 
ATOM   30  N N1    . U   A 1 2  ? -3.387  -5.512  9.297   1.00 42.57  ? 2  U   A N1    1 
ATOM   31  C C2    . U   A 1 2  ? -4.454  -4.657  9.468   1.00 39.86  ? 2  U   A C2    1 
ATOM   32  O O2    . U   A 1 2  ? -5.590  -5.047  9.645   1.00 41.25  ? 2  U   A O2    1 
ATOM   33  N N3    . U   A 1 2  ? -4.144  -3.328  9.426   1.00 37.76  ? 2  U   A N3    1 
ATOM   34  C C4    . U   A 1 2  ? -2.910  -2.778  9.221   1.00 38.03  ? 2  U   A C4    1 
ATOM   35  O O4    . U   A 1 2  ? -2.765  -1.575  9.418   1.00 39.08  ? 2  U   A O4    1 
ATOM   36  C C5    . U   A 1 2  ? -1.858  -3.731  8.976   1.00 39.57  ? 2  U   A C5    1 
ATOM   37  C C6    . U   A 1 2  ? -2.128  -5.036  9.019   1.00 41.35  ? 2  U   A C6    1 
ATOM   38  P P     . C   A 1 3  ? -2.541  -9.011  5.307   1.00 48.38  ? 3  C   A P     1 
ATOM   39  O OP1   . C   A 1 3  ? -2.392  -10.355 4.726   1.00 56.95  ? 3  C   A OP1   1 
ATOM   40  O OP2   . C   A 1 3  ? -1.459  -8.005  5.135   1.00 54.59  ? 3  C   A OP2   1 
ATOM   41  O "O5'" . C   A 1 3  ? -3.884  -8.329  4.812   1.00 46.91  ? 3  C   A "O5'" 1 
ATOM   42  C "C5'" . C   A 1 3  ? -5.125  -8.985  5.041   1.00 43.49  ? 3  C   A "C5'" 1 
ATOM   43  C "C4'" . C   A 1 3  ? -6.249  -7.996  5.034   1.00 43.78  ? 3  C   A "C4'" 1 
ATOM   44  O "O4'" . C   A 1 3  ? -6.045  -7.069  6.133   1.00 39.38  ? 3  C   A "O4'" 1 
ATOM   45  C "C3'" . C   A 1 3  ? -6.365  -7.077  3.821   1.00 44.21  ? 3  C   A "C3'" 1 
ATOM   46  O "O3'" . C   A 1 3  ? -6.943  -7.700  2.661   1.00 43.14  ? 3  C   A "O3'" 1 
ATOM   47  C "C2'" . C   A 1 3  ? -7.231  -5.955  4.400   1.00 44.40  ? 3  C   A "C2'" 1 
ATOM   48  O "O2'" . C   A 1 3  ? -8.619  -6.229  4.492   1.00 46.95  ? 3  C   A "O2'" 1 
ATOM   49  C "C1'" . C   A 1 3  ? -6.657  -5.836  5.813   1.00 40.81  ? 3  C   A "C1'" 1 
ATOM   50  N N1    . C   A 1 3  ? -5.649  -4.788  5.835   1.00 35.86  ? 3  C   A N1    1 
ATOM   51  C C2    . C   A 1 3  ? -6.088  -3.461  5.824   1.00 38.96  ? 3  C   A C2    1 
ATOM   52  O O2    . C   A 1 3  ? -7.310  -3.244  5.865   1.00 43.59  ? 3  C   A O2    1 
ATOM   53  N N3    . C   A 1 3  ? -5.178  -2.456  5.782   1.00 32.09  ? 3  C   A N3    1 
ATOM   54  C C4    . C   A 1 3  ? -3.883  -2.751  5.782   1.00 29.06  ? 3  C   A C4    1 
ATOM   55  N N4    . C   A 1 3  ? -3.022  -1.754  5.768   1.00 25.83  ? 3  C   A N4    1 
ATOM   56  C C5    . C   A 1 3  ? -3.414  -4.097  5.811   1.00 31.45  ? 3  C   A C5    1 
ATOM   57  C C6    . C   A 1 3  ? -4.324  -5.076  5.841   1.00 31.13  ? 3  C   A C6    1 
ATOM   58  P P     . G   A 1 4  ? -6.507  -7.208  1.186   1.00 43.29  ? 4  G   A P     1 
ATOM   59  O OP1   . G   A 1 4  ? -7.056  -8.202  0.253   1.00 48.47  ? 4  G   A OP1   1 
ATOM   60  O OP2   . G   A 1 4  ? -5.064  -6.899  1.166   1.00 46.78  ? 4  G   A OP2   1 
ATOM   61  O "O5'" . G   A 1 4  ? -7.205  -5.788  0.946   1.00 44.01  ? 4  G   A "O5'" 1 
ATOM   62  C "C5'" . G   A 1 4  ? -8.632  -5.653  0.879   1.00 37.07  ? 4  G   A "C5'" 1 
ATOM   63  C "C4'" . G   A 1 4  ? -9.043  -4.211  1.049   1.00 36.17  ? 4  G   A "C4'" 1 
ATOM   64  O "O4'" . G   A 1 4  ? -8.524  -3.700  2.309   1.00 38.34  ? 4  G   A "O4'" 1 
ATOM   65  C "C3'" . G   A 1 4  ? -8.544  -3.175  0.046   1.00 35.67  ? 4  G   A "C3'" 1 
ATOM   66  O "O3'" . G   A 1 4  ? -9.252  -3.245  -1.182  1.00 36.73  ? 4  G   A "O3'" 1 
ATOM   67  C "C2'" . G   A 1 4  ? -8.847  -1.888  0.807   1.00 35.79  ? 4  G   A "C2'" 1 
ATOM   68  O "O2'" . G   A 1 4  ? -10.223 -1.567  0.829   1.00 36.33  ? 4  G   A "O2'" 1 
ATOM   69  C "C1'" . G   A 1 4  ? -8.407  -2.274  2.224   1.00 34.71  ? 4  G   A "C1'" 1 
ATOM   70  N N9    . G   A 1 4  ? -7.014  -1.892  2.457   1.00 31.77  ? 4  G   A N9    1 
ATOM   71  C C8    . G   A 1 4  ? -5.930  -2.722  2.547   1.00 29.26  ? 4  G   A C8    1 
ATOM   72  N N7    . G   A 1 4  ? -4.801  -2.083  2.699   1.00 25.76  ? 4  G   A N7    1 
ATOM   73  C C5    . G   A 1 4  ? -5.163  -0.749  2.747   1.00 30.75  ? 4  G   A C5    1 
ATOM   74  C C6    . G   A 1 4  ? -4.367  0.423   2.933   1.00 30.06  ? 4  G   A C6    1 
ATOM   75  O O6    . G   A 1 4  ? -3.176  0.500   3.157   1.00 33.30  ? 4  G   A O6    1 
ATOM   76  N N1    . G   A 1 4  ? -5.128  1.586   2.862   1.00 32.79  ? 4  G   A N1    1 
ATOM   77  C C2    . G   A 1 4  ? -6.496  1.616   2.677   1.00 30.94  ? 4  G   A C2    1 
ATOM   78  N N2    . G   A 1 4  ? -7.064  2.833   2.607   1.00 26.69  ? 4  G   A N2    1 
ATOM   79  N N3    . G   A 1 4  ? -7.251  0.527   2.560   1.00 29.05  ? 4  G   A N3    1 
ATOM   80  C C4    . G   A 1 4  ? -6.527  -0.608  2.592   1.00 31.15  ? 4  G   A C4    1 
ATOM   81  P P     . G   A 1 5  ? -8.743  -2.416  -2.468  1.00 35.72  ? 5  G   A P     1 
ATOM   82  O OP1   . G   A 1 5  ? -9.630  -2.679  -3.619  1.00 39.59  ? 5  G   A OP1   1 
ATOM   83  O OP2   . G   A 1 5  ? -7.278  -2.625  -2.625  1.00 37.88  ? 5  G   A OP2   1 
ATOM   84  O "O5'" . G   A 1 5  ? -9.000  -0.921  -2.021  1.00 39.99  ? 5  G   A "O5'" 1 
ATOM   85  C "C5'" . G   A 1 5  ? -10.257 -0.285  -2.233  1.00 33.70  ? 5  G   A "C5'" 1 
ATOM   86  C "C4'" . G   A 1 5  ? -10.056 1.207   -2.255  1.00 36.36  ? 5  G   A "C4'" 1 
ATOM   87  O "O4'" . G   A 1 5  ? -9.414  1.647   -1.010  1.00 33.76  ? 5  G   A "O4'" 1 
ATOM   88  C "C3'" . G   A 1 5  ? -9.118  1.739   -3.333  1.00 32.74  ? 5  G   A "C3'" 1 
ATOM   89  O "O3'" . G   A 1 5  ? -9.788  1.849   -4.573  1.00 31.81  ? 5  G   A "O3'" 1 
ATOM   90  C "C2'" . G   A 1 5  ? -8.767  3.102   -2.758  1.00 33.15  ? 5  G   A "C2'" 1 
ATOM   91  O "O2'" . G   A 1 5  ? -9.884  3.970   -2.837  1.00 29.39  ? 5  G   A "O2'" 1 
ATOM   92  C "C1'" . G   A 1 5  ? -8.554  2.734   -1.289  1.00 29.01  ? 5  G   A "C1'" 1 
ATOM   93  N N9    . G   A 1 5  ? -7.190  2.291   -1.033  1.00 29.90  ? 5  G   A N9    1 
ATOM   94  C C8    . G   A 1 5  ? -6.738  1.005   -0.856  1.00 25.13  ? 5  G   A C8    1 
ATOM   95  N N7    . G   A 1 5  ? -5.478  0.950   -0.542  1.00 23.28  ? 5  G   A N7    1 
ATOM   96  C C5    . G   A 1 5  ? -5.072  2.277   -0.522  1.00 26.73  ? 5  G   A C5    1 
ATOM   97  C C6    . G   A 1 5  ? -3.839  2.846   -0.181  1.00 25.35  ? 5  G   A C6    1 
ATOM   98  O O6    . G   A 1 5  ? -2.826  2.277   0.211   1.00 30.50  ? 5  G   A O6    1 
ATOM   99  N N1    . G   A 1 5  ? -3.851  4.236   -0.296  1.00 23.76  ? 5  G   A N1    1 
ATOM   100 C C2    . G   A 1 5  ? -4.944  4.987   -0.665  1.00 26.95  ? 5  G   A C2    1 
ATOM   101 N N2    . G   A 1 5  ? -4.805  6.326   -0.704  1.00 22.84  ? 5  G   A N2    1 
ATOM   102 N N3    . G   A 1 5  ? -6.113  4.456   -0.967  1.00 30.62  ? 5  G   A N3    1 
ATOM   103 C C4    . G   A 1 5  ? -6.105  3.108   -0.866  1.00 28.86  ? 5  G   A C4    1 
ATOM   104 P P     . G   A 1 6  ? -8.970  1.609   -5.923  1.00 35.84  ? 6  G   A P     1 
ATOM   105 O OP1   . G   A 1 6  ? -9.926  1.613   -7.047  1.00 36.41  ? 6  G   A OP1   1 
ATOM   106 O OP2   . G   A 1 6  ? -8.079  0.449   -5.731  1.00 32.15  ? 6  G   A OP2   1 
ATOM   107 O "O5'" . G   A 1 6  ? -8.082  2.931   -6.051  1.00 36.27  ? 6  G   A "O5'" 1 
ATOM   108 C "C5'" . G   A 1 6  ? -6.794  2.886   -6.657  1.00 34.64  ? 6  G   A "C5'" 1 
ATOM   109 C "C4'" . G   A 1 6  ? -5.998  4.106   -6.283  1.00 34.13  ? 6  G   A "C4'" 1 
ATOM   110 O "O4'" . G   A 1 6  ? -5.722  4.103   -4.854  1.00 38.17  ? 6  G   A "O4'" 1 
ATOM   111 C "C3'" . G   A 1 6  ? -4.604  4.152   -6.877  1.00 34.31  ? 6  G   A "C3'" 1 
ATOM   112 O "O3'" . G   A 1 6  ? -4.673  4.629   -8.189  1.00 36.94  ? 6  G   A "O3'" 1 
ATOM   113 C "C2'" . G   A 1 6  ? -3.917  5.153   -5.965  1.00 36.22  ? 6  G   A "C2'" 1 
ATOM   114 O "O2'" . G   A 1 6  ? -4.369  6.474   -6.202  1.00 35.32  ? 6  G   A "O2'" 1 
ATOM   115 C "C1'" . G   A 1 6  ? -4.445  4.697   -4.608  1.00 34.74  ? 6  G   A "C1'" 1 
ATOM   116 N N9    . G   A 1 6  ? -3.565  3.700   -4.004  1.00 31.78  ? 6  G   A N9    1 
ATOM   117 C C8    . G   A 1 6  ? -3.767  2.343   -3.905  1.00 30.49  ? 6  G   A C8    1 
ATOM   118 N N7    . G   A 1 6  ? -2.786  1.724   -3.311  1.00 32.72  ? 6  G   A N7    1 
ATOM   119 C C5    . G   A 1 6  ? -1.884  2.737   -2.998  1.00 30.97  ? 6  G   A C5    1 
ATOM   120 C C6    . G   A 1 6  ? -0.639  2.682   -2.344  1.00 30.62  ? 6  G   A C6    1 
ATOM   121 O O6    . G   A 1 6  ? -0.055  1.702   -1.881  1.00 36.25  ? 6  G   A O6    1 
ATOM   122 N N1    . G   A 1 6  ? -0.061  3.938   -2.242  1.00 30.88  ? 6  G   A N1    1 
ATOM   123 C C2    . G   A 1 6  ? -0.612  5.096   -2.691  1.00 27.86  ? 6  G   A C2    1 
ATOM   124 N N2    . G   A 1 6  ? 0.118   6.209   -2.503  1.00 30.24  ? 6  G   A N2    1 
ATOM   125 N N3    . G   A 1 6  ? -1.781  5.168   -3.284  1.00 29.75  ? 6  G   A N3    1 
ATOM   126 C C4    . G   A 1 6  ? -2.355  3.957   -3.413  1.00 30.21  ? 6  G   A C4    1 
ATOM   127 P P     . C   A 1 7  ? -3.785  3.943   -9.304  1.00 32.94  ? 7  C   A P     1 
ATOM   128 O OP1   . C   A 1 7  ? -4.306  4.439   -10.567 1.00 42.11  ? 7  C   A OP1   1 
ATOM   129 O OP2   . C   A 1 7  ? -3.859  2.502   -8.992  1.00 33.69  ? 7  C   A OP2   1 
ATOM   130 O "O5'" . C   A 1 7  ? -2.344  4.586   -9.084  1.00 33.88  ? 7  C   A "O5'" 1 
ATOM   131 C "C5'" . C   A 1 7  ? -2.170  6.009   -9.216  1.00 31.29  ? 7  C   A "C5'" 1 
ATOM   132 C "C4'" . C   A 1 7  ? -0.869  6.469   -8.586  1.00 32.79  ? 7  C   A "C4'" 1 
ATOM   133 O "O4'" . C   A 1 7  ? -0.887  6.238   -7.156  1.00 35.38  ? 7  C   A "O4'" 1 
ATOM   134 C "C3'" . C   A 1 7  ? 0.404   5.785   -9.051  1.00 34.95  ? 7  C   A "C3'" 1 
ATOM   135 O "O3'" . C   A 1 7  ? 0.869   6.368   -10.267 1.00 36.76  ? 7  C   A "O3'" 1 
ATOM   136 C "C2'" . C   A 1 7  ? 1.358   6.081   -7.896  1.00 35.00  ? 7  C   A "C2'" 1 
ATOM   137 O "O2'" . C   A 1 7  ? 1.866   7.393   -7.888  1.00 36.39  ? 7  C   A "O2'" 1 
ATOM   138 C "C1'" . C   A 1 7  ? 0.429   5.934   -6.700  1.00 34.16  ? 7  C   A "C1'" 1 
ATOM   139 N N1    . C   A 1 7  ? 0.462   4.544   -6.221  1.00 32.41  ? 7  C   A N1    1 
ATOM   140 C C2    . C   A 1 7  ? 1.542   4.138   -5.440  1.00 28.63  ? 7  C   A C2    1 
ATOM   141 O O2    . C   A 1 7  ? 2.400   4.960   -5.131  1.00 33.02  ? 7  C   A O2    1 
ATOM   142 N N3    . C   A 1 7  ? 1.617   2.869   -5.028  1.00 26.87  ? 7  C   A N3    1 
ATOM   143 C C4    . C   A 1 7  ? 0.646   2.013   -5.331  1.00 25.17  ? 7  C   A C4    1 
ATOM   144 N N4    . C   A 1 7  ? 0.744   0.777   -4.846  1.00 26.04  ? 7  C   A N4    1 
ATOM   145 C C5    . C   A 1 7  ? -0.474  2.391   -6.120  1.00 25.56  ? 7  C   A C5    1 
ATOM   146 C C6    . C   A 1 7  ? -0.528  3.658   -6.542  1.00 27.54  ? 7  C   A C6    1 
ATOM   147 P P     . G   A 1 8  ? 1.624   5.459   -11.345 1.00 32.87  ? 8  G   A P     1 
ATOM   148 O OP1   . G   A 1 8  ? 1.675   6.242   -12.611 1.00 33.40  ? 8  G   A OP1   1 
ATOM   149 O OP2   . G   A 1 8  ? 0.960   4.117   -11.318 1.00 34.11  ? 8  G   A OP2   1 
ATOM   150 O "O5'" . G   A 1 8  ? 3.090   5.282   -10.772 1.00 27.70  ? 8  G   A "O5'" 1 
ATOM   151 C "C5'" . G   A 1 8  ? 3.828   6.397   -10.359 1.00 26.45  ? 8  G   A "C5'" 1 
ATOM   152 C "C4'" . G   A 1 8  ? 4.963   5.969   -9.478  1.00 27.36  ? 8  G   A "C4'" 1 
ATOM   153 O "O4'" . G   A 1 8  ? 4.454   5.488   -8.210  1.00 27.15  ? 8  G   A "O4'" 1 
ATOM   154 C "C3'" . G   A 1 8  ? 5.823   4.815   -9.960  1.00 29.74  ? 8  G   A "C3'" 1 
ATOM   155 O "O3'" . G   A 1 8  ? 6.767   5.214   -10.955 1.00 33.02  ? 8  G   A "O3'" 1 
ATOM   156 C "C2'" . G   A 1 8  ? 6.537   4.450   -8.665  1.00 31.82  ? 8  G   A "C2'" 1 
ATOM   157 O "O2'" . G   A 1 8  ? 7.571   5.359   -8.351  1.00 34.61  ? 8  G   A "O2'" 1 
ATOM   158 C "C1'" . G   A 1 8  ? 5.398   4.587   -7.651  1.00 30.97  ? 8  G   A "C1'" 1 
ATOM   159 N N9    . G   A 1 8  ? 4.758   3.288   -7.478  1.00 31.74  ? 8  G   A N9    1 
ATOM   160 C C8    . G   A 1 8  ? 3.565   2.851   -8.013  1.00 28.76  ? 8  G   A C8    1 
ATOM   161 N N7    . G   A 1 8  ? 3.270   1.630   -7.669  1.00 30.70  ? 8  G   A N7    1 
ATOM   162 C C5    . G   A 1 8  ? 4.328   1.243   -6.855  1.00 30.20  ? 8  G   A C5    1 
ATOM   163 C C6    . G   A 1 8  ? 4.551   0.032   -6.164  1.00 29.30  ? 8  G   A C6    1 
ATOM   164 O O6    . G   A 1 8  ? 3.833   -0.950  -6.125  1.00 34.34  ? 8  G   A O6    1 
ATOM   165 N N1    . G   A 1 8  ? 5.758   0.050   -5.454  1.00 26.23  ? 8  G   A N1    1 
ATOM   166 C C2    . G   A 1 8  ? 6.636   1.120   -5.415  1.00 26.06  ? 8  G   A C2    1 
ATOM   167 N N2    . G   A 1 8  ? 7.754   0.975   -4.662  1.00 21.53  ? 8  G   A N2    1 
ATOM   168 N N3    . G   A 1 8  ? 6.427   2.263   -6.061  1.00 26.31  ? 8  G   A N3    1 
ATOM   169 C C4    . G   A 1 8  ? 5.260   2.254   -6.745  1.00 27.22  ? 8  G   A C4    1 
ATOM   170 P P     . C   A 1 9  ? 7.363   4.123   -11.999 1.00 31.45  ? 9  C   A P     1 
ATOM   171 O OP1   . C   A 1 9  ? 8.139   4.888   -13.002 1.00 29.52  ? 9  C   A OP1   1 
ATOM   172 O OP2   . C   A 1 9  ? 6.292   3.184   -12.443 1.00 30.29  ? 9  C   A OP2   1 
ATOM   173 O "O5'" . C   A 1 9  ? 8.421   3.304   -11.146 1.00 29.84  ? 9  C   A "O5'" 1 
ATOM   174 C "C5'" . C   A 1 9  ? 9.697   3.874   -10.838 1.00 24.23  ? 9  C   A "C5'" 1 
ATOM   175 C "C4'" . C   A 1 9  ? 10.401  2.996   -9.850  1.00 26.84  ? 9  C   A "C4'" 1 
ATOM   176 O "O4'" . C   A 1 9  ? 9.464   2.687   -8.787  1.00 27.87  ? 9  C   A "O4'" 1 
ATOM   177 C "C3'" . C   A 1 9  ? 10.739  1.612   -10.379 1.00 28.30  ? 9  C   A "C3'" 1 
ATOM   178 O "O3'" . C   A 1 9  ? 11.952  1.655   -11.054 1.00 28.09  ? 9  C   A "O3'" 1 
ATOM   179 C "C2'" . C   A 1 9  ? 10.890  0.824   -9.093  1.00 28.53  ? 9  C   A "C2'" 1 
ATOM   180 O "O2'" . C   A 1 9  ? 12.085  1.165   -8.431  1.00 29.74  ? 9  C   A "O2'" 1 
ATOM   181 C "C1'" . C   A 1 9  ? 9.705   1.367   -8.307  1.00 28.14  ? 9  C   A "C1'" 1 
ATOM   182 N N1    . C   A 1 9  ? 8.504   0.549   -8.548  1.00 26.75  ? 9  C   A N1    1 
ATOM   183 C C2    . C   A 1 9  ? 8.368   -0.629  -7.838  1.00 22.84  ? 9  C   A C2    1 
ATOM   184 O O2    . C   A 1 9  ? 9.267   -0.957  -7.050  1.00 22.39  ? 9  C   A O2    1 
ATOM   185 N N3    . C   A 1 9  ? 7.277   -1.384  -8.018  1.00 22.15  ? 9  C   A N3    1 
ATOM   186 C C4    . C   A 1 9  ? 6.334   -0.998  -8.873  1.00 20.80  ? 9  C   A C4    1 
ATOM   187 N N4    . C   A 1 9  ? 5.259   -1.769  -8.988  1.00 21.74  ? 9  C   A N4    1 
ATOM   188 C C5    . C   A 1 9  ? 6.452   0.191   -9.633  1.00 19.59  ? 9  C   A C5    1 
ATOM   189 C C6    . C   A 1 9  ? 7.543   0.934   -9.443  1.00 24.40  ? 9  C   A C6    1 
ATOM   190 P P     . C   A 1 10 ? 12.212  0.674   -12.267 1.00 30.66  ? 10 C   A P     1 
ATOM   191 O OP1   . C   A 1 10 ? 13.450  1.235   -12.878 1.00 31.00  ? 10 C   A OP1   1 
ATOM   192 O OP2   . C   A 1 10 ? 10.992  0.515   -13.087 1.00 27.23  ? 10 C   A OP2   1 
ATOM   193 O "O5'" . C   A 1 10 ? 12.532  -0.701  -11.544 1.00 31.39  ? 10 C   A "O5'" 1 
ATOM   194 C "C5'" . C   A 1 10 ? 13.681  -0.820  -10.709 1.00 25.79  ? 10 C   A "C5'" 1 
ATOM   195 C "C4'" . C   A 1 10 ? 13.759  -2.215  -10.154 1.00 28.53  ? 10 C   A "C4'" 1 
ATOM   196 O "O4'" . C   A 1 10 ? 12.622  -2.424  -9.285  1.00 26.35  ? 10 C   A "O4'" 1 
ATOM   197 C "C3'" . C   A 1 10 ? 13.637  -3.366  -11.145 1.00 29.33  ? 10 C   A "C3'" 1 
ATOM   198 O "O3'" . C   A 1 10 ? 14.862  -3.618  -11.814 1.00 30.40  ? 10 C   A "O3'" 1 
ATOM   199 C "C2'" . C   A 1 10 ? 13.267  -4.513  -10.214 1.00 29.43  ? 10 C   A "C2'" 1 
ATOM   200 O "O2'" . C   A 1 10 ? 14.392  -4.917  -9.459  1.00 29.08  ? 10 C   A "O2'" 1 
ATOM   201 C "C1'" . C   A 1 10 ? 12.280  -3.806  -9.274  1.00 31.35  ? 10 C   A "C1'" 1 
ATOM   202 N N1    . C   A 1 10 ? 10.874  -3.909  -9.697  1.00 29.98  ? 10 C   A N1    1 
ATOM   203 C C2    . C   A 1 10 ? 10.109  -5.037  -9.319  1.00 26.85  ? 10 C   A C2    1 
ATOM   204 O O2    . C   A 1 10 ? 10.654  -5.936  -8.669  1.00 27.21  ? 10 C   A O2    1 
ATOM   205 N N3    . C   A 1 10 ? 8.801   -5.096  -9.680  1.00 21.21  ? 10 C   A N3    1 
ATOM   206 C C4    . C   A 1 10 ? 8.265   -4.090  -10.392 1.00 25.43  ? 10 C   A C4    1 
ATOM   207 N N4    . C   A 1 10 ? 6.974   -4.142  -10.708 1.00 24.33  ? 10 C   A N4    1 
ATOM   208 C C5    . C   A 1 10 ? 9.034   -2.961  -10.814 1.00 26.42  ? 10 C   A C5    1 
ATOM   209 C C6    . C   A 1 10 ? 10.314  -2.909  -10.445 1.00 27.94  ? 10 C   A C6    1 
ATOM   210 O "O5'" . DG  B 2 1  ? 1.618   -12.365 -6.995  1.00 46.07  ? 11 DG  B "O5'" 1 
ATOM   211 C "C5'" . DG  B 2 1  ? 2.367   -13.417 -6.338  1.00 42.20  ? 11 DG  B "C5'" 1 
ATOM   212 C "C4'" . DG  B 2 1  ? 3.794   -12.981 -6.092  1.00 38.54  ? 11 DG  B "C4'" 1 
ATOM   213 O "O4'" . DG  B 2 1  ? 4.350   -12.492 -7.322  1.00 40.26  ? 11 DG  B "O4'" 1 
ATOM   214 C "C3'" . DG  B 2 1  ? 3.975   -11.804 -5.163  1.00 38.10  ? 11 DG  B "C3'" 1 
ATOM   215 O "O3'" . DG  B 2 1  ? 4.050   -12.222 -3.826  1.00 38.16  ? 11 DG  B "O3'" 1 
ATOM   216 C "C2'" . DG  B 2 1  ? 5.358   -11.330 -5.541  1.00 41.01  ? 11 DG  B "C2'" 1 
ATOM   217 C "C1'" . DG  B 2 1  ? 5.389   -11.555 -7.039  1.00 38.21  ? 11 DG  B "C1'" 1 
ATOM   218 N N9    . DG  B 2 1  ? 5.148   -10.351 -7.838  1.00 39.14  ? 11 DG  B N9    1 
ATOM   219 C C8    . DG  B 2 1  ? 4.014   -10.058 -8.546  1.00 35.51  ? 11 DG  B C8    1 
ATOM   220 N N7    . DG  B 2 1  ? 4.101   -8.946  -9.211  1.00 31.82  ? 11 DG  B N7    1 
ATOM   221 C C5    . DG  B 2 1  ? 5.365   -8.459  -8.917  1.00 32.75  ? 11 DG  B C5    1 
ATOM   222 C C6    . DG  B 2 1  ? 6.023   -7.283  -9.378  1.00 33.69  ? 11 DG  B C6    1 
ATOM   223 O O6    . DG  B 2 1  ? 5.582   -6.396  -10.145 1.00 31.97  ? 11 DG  B O6    1 
ATOM   224 N N1    . DG  B 2 1  ? 7.314   -7.183  -8.863  1.00 30.45  ? 11 DG  B N1    1 
ATOM   225 C C2    . DG  B 2 1  ? 7.887   -8.084  -8.002  1.00 31.43  ? 11 DG  B C2    1 
ATOM   226 N N2    . DG  B 2 1  ? 9.140   -7.826  -7.636  1.00 24.75  ? 11 DG  B N2    1 
ATOM   227 N N3    . DG  B 2 1  ? 7.273   -9.171  -7.542  1.00 32.73  ? 11 DG  B N3    1 
ATOM   228 C C4    . DG  B 2 1  ? 6.024   -9.299  -8.054  1.00 35.53  ? 11 DG  B C4    1 
ATOM   229 P P     . DG  B 2 2  ? 3.826   -11.148 -2.688  1.00 39.44  ? 12 DG  B P     1 
ATOM   230 O OP1   . DG  B 2 2  ? 3.728   -11.832 -1.383  1.00 49.40  ? 12 DG  B OP1   1 
ATOM   231 O OP2   . DG  B 2 2  ? 2.714   -10.305 -3.146  1.00 44.42  ? 12 DG  B OP2   1 
ATOM   232 O "O5'" . DG  B 2 2  ? 5.140   -10.246 -2.699  1.00 44.95  ? 12 DG  B "O5'" 1 
ATOM   233 C "C5'" . DG  B 2 2  ? 6.426   -10.780 -2.336  1.00 42.65  ? 12 DG  B "C5'" 1 
ATOM   234 C "C4'" . DG  B 2 2  ? 7.502   -9.722  -2.485  1.00 41.99  ? 12 DG  B "C4'" 1 
ATOM   235 O "O4'" . DG  B 2 2  ? 7.698   -9.305  -3.859  1.00 40.78  ? 12 DG  B "O4'" 1 
ATOM   236 C "C3'" . DG  B 2 2  ? 7.251   -8.429  -1.729  1.00 38.99  ? 12 DG  B "C3'" 1 
ATOM   237 O "O3'" . DG  B 2 2  ? 7.686   -8.608  -0.394  1.00 40.67  ? 12 DG  B "O3'" 1 
ATOM   238 C "C2'" . DG  B 2 2  ? 8.160   -7.453  -2.454  1.00 38.96  ? 12 DG  B "C2'" 1 
ATOM   239 C "C1'" . DG  B 2 2  ? 8.090   -7.923  -3.897  1.00 38.33  ? 12 DG  B "C1'" 1 
ATOM   240 N N9    . DG  B 2 2  ? 7.119   -7.197  -4.722  1.00 39.21  ? 12 DG  B N9    1 
ATOM   241 C C8    . DG  B 2 2  ? 5.821   -7.568  -4.996  1.00 35.16  ? 12 DG  B C8    1 
ATOM   242 N N7    . DG  B 2 2  ? 5.201   -6.723  -5.778  1.00 36.48  ? 12 DG  B N7    1 
ATOM   243 C C5    . DG  B 2 2  ? 6.135   -5.716  -6.020  1.00 34.79  ? 12 DG  B C5    1 
ATOM   244 C C6    . DG  B 2 2  ? 6.030   -4.494  -6.779  1.00 33.72  ? 12 DG  B C6    1 
ATOM   245 O O6    . DG  B 2 2  ? 5.056   -4.041  -7.400  1.00 35.55  ? 12 DG  B O6    1 
ATOM   246 N N1    . DG  B 2 2  ? 7.220   -3.783  -6.772  1.00 31.02  ? 12 DG  B N1    1 
ATOM   247 C C2    . DG  B 2 2  ? 8.365   -4.174  -6.136  1.00 30.32  ? 12 DG  B C2    1 
ATOM   248 N N2    . DG  B 2 2  ? 9.440   -3.370  -6.301  1.00 29.62  ? 12 DG  B N2    1 
ATOM   249 N N3    . DG  B 2 2  ? 8.467   -5.276  -5.401  1.00 35.12  ? 12 DG  B N3    1 
ATOM   250 C C4    . DG  B 2 2  ? 7.327   -5.995  -5.390  1.00 36.02  ? 12 DG  B C4    1 
ATOM   251 P P     . DC  B 2 3  ? 7.143   -7.647  0.764   1.00 40.46  ? 13 DC  B P     1 
ATOM   252 O OP1   . DC  B 2 3  ? 7.723   -8.188  2.007   1.00 44.88  ? 13 DC  B OP1   1 
ATOM   253 O OP2   . DC  B 2 3  ? 5.688   -7.537  0.636   1.00 43.97  ? 13 DC  B OP2   1 
ATOM   254 O "O5'" . DC  B 2 3  ? 7.802   -6.233  0.451   1.00 41.86  ? 13 DC  B "O5'" 1 
ATOM   255 C "C5'" . DC  B 2 3  ? 9.179   -5.975  0.775   1.00 39.26  ? 13 DC  B "C5'" 1 
ATOM   256 C "C4'" . DC  B 2 3  ? 9.631   -4.668  0.162   1.00 38.44  ? 13 DC  B "C4'" 1 
ATOM   257 O "O4'" . DC  B 2 3  ? 9.364   -4.688  -1.251  1.00 37.86  ? 13 DC  B "O4'" 1 
ATOM   258 C "C3'" . DC  B 2 3  ? 8.956   -3.390  0.640   1.00 35.68  ? 13 DC  B "C3'" 1 
ATOM   259 O "O3'" . DC  B 2 3  ? 9.549   -2.913  1.851   1.00 36.53  ? 13 DC  B "O3'" 1 
ATOM   260 C "C2'" . DC  B 2 3  ? 9.288   -2.440  -0.498  1.00 34.44  ? 13 DC  B "C2'" 1 
ATOM   261 C "C1'" . DC  B 2 3  ? 9.118   -3.346  -1.714  1.00 34.56  ? 13 DC  B "C1'" 1 
ATOM   262 N N1    . DC  B 2 3  ? 7.777   -3.319  -2.346  1.00 29.43  ? 13 DC  B N1    1 
ATOM   263 C C2    . DC  B 2 3  ? 7.462   -2.303  -3.278  1.00 26.20  ? 13 DC  B C2    1 
ATOM   264 O O2    . DC  B 2 3  ? 8.273   -1.384  -3.498  1.00 22.38  ? 13 DC  B O2    1 
ATOM   265 N N3    . DC  B 2 3  ? 6.254   -2.333  -3.899  1.00 24.92  ? 13 DC  B N3    1 
ATOM   266 C C4    . DC  B 2 3  ? 5.373   -3.286  -3.603  1.00 21.43  ? 13 DC  B C4    1 
ATOM   267 N N4    . DC  B 2 3  ? 4.213   -3.273  -4.252  1.00 17.62  ? 13 DC  B N4    1 
ATOM   268 C C5    . DC  B 2 3  ? 5.647   -4.300  -2.633  1.00 22.97  ? 13 DC  B C5    1 
ATOM   269 C C6    . DC  B 2 3  ? 6.851   -4.280  -2.037  1.00 25.18  ? 13 DC  B C6    1 
ATOM   270 P P     . DG  B 2 4  ? 8.750   -1.853  2.758   1.00 38.28  ? 14 DG  B P     1 
ATOM   271 O OP1   . DG  B 2 4  ? 9.501   -1.539  3.995   1.00 42.63  ? 14 DG  B OP1   1 
ATOM   272 O OP2   . DG  B 2 4  ? 7.360   -2.397  2.840   1.00 40.09  ? 14 DG  B OP2   1 
ATOM   273 O "O5'" . DG  B 2 4  ? 8.737   -0.510  1.910   1.00 36.97  ? 14 DG  B "O5'" 1 
ATOM   274 C "C5'" . DG  B 2 4  ? 9.878   0.345   1.864   1.00 31.97  ? 14 DG  B "C5'" 1 
ATOM   275 C "C4'" . DG  B 2 4  ? 9.566   1.549   1.016   1.00 31.01  ? 14 DG  B "C4'" 1 
ATOM   276 O "O4'" . DG  B 2 4  ? 9.114   1.121   -0.288  1.00 32.11  ? 14 DG  B "O4'" 1 
ATOM   277 C "C3'" . DG  B 2 4  ? 8.394   2.342   1.549   1.00 32.58  ? 14 DG  B "C3'" 1 
ATOM   278 O "O3'" . DG  B 2 4  ? 8.847   3.272   2.518   1.00 34.74  ? 14 DG  B "O3'" 1 
ATOM   279 C "C2'" . DG  B 2 4  ? 7.910   3.077   0.311   1.00 33.96  ? 14 DG  B "C2'" 1 
ATOM   280 C "C1'" . DG  B 2 4  ? 8.149   2.057   -0.786  1.00 30.93  ? 14 DG  B "C1'" 1 
ATOM   281 N N9    . DG  B 2 4  ? 6.934   1.332   -1.129  1.00 27.06  ? 14 DG  B N9    1 
ATOM   282 C C8    . DG  B 2 4  ? 6.552   0.083   -0.712  1.00 29.10  ? 14 DG  B C8    1 
ATOM   283 N N7    . DG  B 2 4  ? 5.389   -0.285  -1.191  1.00 29.53  ? 14 DG  B N7    1 
ATOM   284 C C5    . DG  B 2 4  ? 4.993   0.780   -1.980  1.00 23.47  ? 14 DG  B C5    1 
ATOM   285 C C6    . DG  B 2 4  ? 3.848   0.941   -2.786  1.00 23.66  ? 14 DG  B C6    1 
ATOM   286 O O6    . DG  B 2 4  ? 2.926   0.132   -2.994  1.00 22.04  ? 14 DG  B O6    1 
ATOM   287 N N1    . DG  B 2 4  ? 3.844   2.177   -3.413  1.00 20.67  ? 14 DG  B N1    1 
ATOM   288 C C2    . DG  B 2 4  ? 4.835   3.128   -3.298  1.00 23.73  ? 14 DG  B C2    1 
ATOM   289 N N2    . DG  B 2 4  ? 4.660   4.261   -3.973  1.00 28.49  ? 14 DG  B N2    1 
ATOM   290 N N3    . DG  B 2 4  ? 5.920   2.978   -2.575  1.00 24.11  ? 14 DG  B N3    1 
ATOM   291 C C4    . DG  B 2 4  ? 5.936   1.788   -1.947  1.00 26.38  ? 14 DG  B C4    1 
ATOM   292 P P     . DC  B 2 5  ? 7.822   3.804   3.620   1.00 33.96  ? 15 DC  B P     1 
ATOM   293 O OP1   . DC  B 2 5  ? 8.639   4.464   4.670   1.00 37.98  ? 15 DC  B OP1   1 
ATOM   294 O OP2   . DC  B 2 5  ? 6.944   2.656   3.973   1.00 31.75  ? 15 DC  B OP2   1 
ATOM   295 O "O5'" . DC  B 2 5  ? 6.964   4.902   2.862   1.00 29.09  ? 15 DC  B "O5'" 1 
ATOM   296 C "C5'" . DC  B 2 5  ? 7.549   6.122   2.412   1.00 30.29  ? 15 DC  B "C5'" 1 
ATOM   297 C "C4'" . DC  B 2 5  ? 6.555   6.851   1.542   1.00 29.77  ? 15 DC  B "C4'" 1 
ATOM   298 O "O4'" . DC  B 2 5  ? 6.200   5.948   0.482   1.00 31.39  ? 15 DC  B "O4'" 1 
ATOM   299 C "C3'" . DC  B 2 5  ? 5.220   7.094   2.205   1.00 29.41  ? 15 DC  B "C3'" 1 
ATOM   300 O "O3'" . DC  B 2 5  ? 5.238   8.282   2.942   1.00 32.74  ? 15 DC  B "O3'" 1 
ATOM   301 C "C2'" . DC  B 2 5  ? 4.307   7.250   1.012   1.00 30.68  ? 15 DC  B "C2'" 1 
ATOM   302 C "C1'" . DC  B 2 5  ? 4.863   6.197   0.072   1.00 29.79  ? 15 DC  B "C1'" 1 
ATOM   303 N N1    . DC  B 2 5  ? 4.140   4.915   0.064   1.00 25.98  ? 15 DC  B N1    1 
ATOM   304 C C2    . DC  B 2 5  ? 3.056   4.790   -0.790  1.00 27.07  ? 15 DC  B C2    1 
ATOM   305 O O2    . DC  B 2 5  ? 2.731   5.763   -1.479  1.00 31.49  ? 15 DC  B O2    1 
ATOM   306 N N3    . DC  B 2 5  ? 2.372   3.628   -0.849  1.00 27.00  ? 15 DC  B N3    1 
ATOM   307 C C4    . DC  B 2 5  ? 2.719   2.619   -0.056  1.00 28.37  ? 15 DC  B C4    1 
ATOM   308 N N4    . DC  B 2 5  ? 1.950   1.503   -0.093  1.00 25.37  ? 15 DC  B N4    1 
ATOM   309 C C5    . DC  B 2 5  ? 3.848   2.711   0.832   1.00 25.93  ? 15 DC  B C5    1 
ATOM   310 C C6    . DC  B 2 5  ? 4.521   3.870   0.858   1.00 23.80  ? 15 DC  B C6    1 
ATOM   311 P P     . DC  B 2 6  ? 4.268   8.411   4.185   1.00 37.07  ? 16 DC  B P     1 
ATOM   312 O OP1   . DC  B 2 6  ? 5.006   9.203   5.217   1.00 37.71  ? 16 DC  B OP1   1 
ATOM   313 O OP2   . DC  B 2 6  ? 3.775   7.047   4.500   1.00 32.11  ? 16 DC  B OP2   1 
ATOM   314 O "O5'" . DC  B 2 6  ? 3.004   9.251   3.724   1.00 31.60  ? 16 DC  B "O5'" 1 
ATOM   315 C "C5'" . DC  B 2 6  ? 2.866   9.799   2.423   1.00 33.85  ? 16 DC  B "C5'" 1 
ATOM   316 C "C4'" . DC  B 2 6  ? 1.396   9.915   2.101   1.00 34.54  ? 16 DC  B "C4'" 1 
ATOM   317 O "O4'" . DC  B 2 6  ? 1.023   9.032   1.018   1.00 38.01  ? 16 DC  B "O4'" 1 
ATOM   318 C "C3'" . DC  B 2 6  ? 0.480   9.499   3.238   1.00 33.98  ? 16 DC  B "C3'" 1 
ATOM   319 O "O3'" . DC  B 2 6  ? 0.351   10.548  4.207   1.00 40.49  ? 16 DC  B "O3'" 1 
ATOM   320 C "C2'" . DC  B 2 6  ? -0.814  9.237   2.495   1.00 36.50  ? 16 DC  B "C2'" 1 
ATOM   321 C "C1'" . DC  B 2 6  ? -0.314  8.589   1.216   1.00 34.89  ? 16 DC  B "C1'" 1 
ATOM   322 N N1    . DC  B 2 6  ? -0.313  7.120   1.290   1.00 32.57  ? 16 DC  B N1    1 
ATOM   323 C C2    . DC  B 2 6  ? -1.309  6.460   0.605   1.00 30.99  ? 16 DC  B C2    1 
ATOM   324 O O2    . DC  B 2 6  ? -2.133  7.151   -0.016  1.00 31.59  ? 16 DC  B O2    1 
ATOM   325 N N3    . DC  B 2 6  ? -1.368  5.091   0.635   1.00 25.03  ? 16 DC  B N3    1 
ATOM   326 C C4    . DC  B 2 6  ? -0.458  4.407   1.328   1.00 22.68  ? 16 DC  B C4    1 
ATOM   327 N N4    . DC  B 2 6  ? -0.537  3.105   1.301   1.00 21.90  ? 16 DC  B N4    1 
ATOM   328 C C5    . DC  B 2 6  ? 0.583   5.061   2.070   1.00 24.29  ? 16 DC  B C5    1 
ATOM   329 C C6    . DC  B 2 6  ? 0.619   6.415   2.018   1.00 28.44  ? 16 DC  B C6    1 
ATOM   330 P P     . DC  B 2 7  ? -0.737  10.410  5.374   1.00 37.53  ? 17 DC  B P     1 
ATOM   331 O OP1   . DC  B 2 7  ? -0.815  11.678  6.074   1.00 41.03  ? 17 DC  B OP1   1 
ATOM   332 O OP2   . DC  B 2 7  ? -0.502  9.167   6.156   1.00 37.15  ? 17 DC  B OP2   1 
ATOM   333 O "O5'" . DC  B 2 7  ? -2.077  10.282  4.534   1.00 40.86  ? 17 DC  B "O5'" 1 
ATOM   334 C "C5'" . DC  B 2 7  ? -3.345  10.314  5.156   1.00 39.75  ? 17 DC  B "C5'" 1 
ATOM   335 C "C4'" . DC  B 2 7  ? -4.401  9.610   4.326   1.00 36.01  ? 17 DC  B "C4'" 1 
ATOM   336 O "O4'" . DC  B 2 7  ? -3.909  8.693   3.317   1.00 33.49  ? 17 DC  B "O4'" 1 
ATOM   337 C "C3'" . DC  B 2 7  ? -5.169  8.721   5.292   1.00 37.04  ? 17 DC  B "C3'" 1 
ATOM   338 O "O3'" . DC  B 2 7  ? -6.105  9.523   5.987   1.00 37.17  ? 17 DC  B "O3'" 1 
ATOM   339 C "C2'" . DC  B 2 7  ? -5.801  7.680   4.387   1.00 35.24  ? 17 DC  B "C2'" 1 
ATOM   340 C "C1'" . DC  B 2 7  ? -4.722  7.504   3.314   1.00 32.20  ? 17 DC  B "C1'" 1 
ATOM   341 N N1    . DC  B 2 7  ? -3.859  6.323   3.576   1.00 28.99  ? 17 DC  B N1    1 
ATOM   342 C C2    . DC  B 2 7  ? -4.344  5.047   3.189   1.00 24.88  ? 17 DC  B C2    1 
ATOM   343 O O2    . DC  B 2 7  ? -5.429  4.975   2.609   1.00 28.14  ? 17 DC  B O2    1 
ATOM   344 N N3    . DC  B 2 7  ? -3.607  3.939   3.451   1.00 20.90  ? 17 DC  B N3    1 
ATOM   345 C C4    . DC  B 2 7  ? -2.428  4.061   4.056   1.00 21.14  ? 17 DC  B C4    1 
ATOM   346 N N4    . DC  B 2 7  ? -1.730  2.931   4.298   1.00 21.02  ? 17 DC  B N4    1 
ATOM   347 C C5    . DC  B 2 7  ? -1.901  5.352   4.448   1.00 21.55  ? 17 DC  B C5    1 
ATOM   348 C C6    . DC  B 2 7  ? -2.638  6.436   4.192   1.00 21.80  ? 17 DC  B C6    1 
ATOM   349 P P     . DG  B 2 8  ? -6.526  9.115   7.455   1.00 38.19  ? 18 DG  B P     1 
ATOM   350 O OP1   . DG  B 2 8  ? -7.192  10.347  7.931   1.00 42.68  ? 18 DG  B OP1   1 
ATOM   351 O OP2   . DG  B 2 8  ? -5.322  8.545   8.161   1.00 32.53  ? 18 DG  B OP2   1 
ATOM   352 O "O5'" . DG  B 2 8  ? -7.630  7.968   7.301   1.00 37.36  ? 18 DG  B "O5'" 1 
ATOM   353 C "C5'" . DG  B 2 8  ? -8.726  8.113   6.386   1.00 33.74  ? 18 DG  B "C5'" 1 
ATOM   354 C "C4'" . DG  B 2 8  ? -9.343  6.765   6.129   1.00 30.84  ? 18 DG  B "C4'" 1 
ATOM   355 O "O4'" . DG  B 2 8  ? -8.282  5.963   5.608   1.00 31.35  ? 18 DG  B "O4'" 1 
ATOM   356 C "C3'" . DG  B 2 8  ? -9.770  6.069   7.414   1.00 34.20  ? 18 DG  B "C3'" 1 
ATOM   357 O "O3'" . DG  B 2 8  ? -11.194 6.036   7.531   1.00 38.98  ? 18 DG  B "O3'" 1 
ATOM   358 C "C2'" . DG  B 2 8  ? -9.292  4.645   7.246   1.00 37.81  ? 18 DG  B "C2'" 1 
ATOM   359 C "C1'" . DG  B 2 8  ? -8.528  4.620   5.942   1.00 35.01  ? 18 DG  B "C1'" 1 
ATOM   360 N N9    . DG  B 2 8  ? -7.244  3.948   6.139   1.00 34.43  ? 18 DG  B N9    1 
ATOM   361 C C8    . DG  B 2 8  ? -6.054  4.505   6.531   1.00 31.72  ? 18 DG  B C8    1 
ATOM   362 N N7    . DG  B 2 8  ? -5.103  3.622   6.677   1.00 30.17  ? 18 DG  B N7    1 
ATOM   363 C C5    . DG  B 2 8  ? -5.699  2.416   6.331   1.00 29.20  ? 18 DG  B C5    1 
ATOM   364 C C6    . DG  B 2 8  ? -5.160  1.109   6.255   1.00 28.24  ? 18 DG  B C6    1 
ATOM   365 O O6    . DG  B 2 8  ? -3.998  0.745   6.435   1.00 27.19  ? 18 DG  B O6    1 
ATOM   366 N N1    . DG  B 2 8  ? -6.126  0.178   5.903   1.00 24.37  ? 18 DG  B N1    1 
ATOM   367 C C2    . DG  B 2 8  ? -7.420  0.470   5.633   1.00 25.59  ? 18 DG  B C2    1 
ATOM   368 N N2    . DG  B 2 8  ? -8.190  -0.556  5.371   1.00 26.55  ? 18 DG  B N2    1 
ATOM   369 N N3    . DG  B 2 8  ? -7.924  1.681   5.634   1.00 27.45  ? 18 DG  B N3    1 
ATOM   370 C C4    . DG  B 2 8  ? -7.017  2.599   6.002   1.00 28.91  ? 18 DG  B C4    1 
ATOM   371 P P     . DA  B 2 9  ? -11.880 5.596   8.923   1.00 33.09  ? 19 DA  B P     1 
ATOM   372 O OP1   . DA  B 2 9  ? -13.288 6.060   8.814   1.00 39.47  ? 19 DA  B OP1   1 
ATOM   373 O OP2   . DA  B 2 9  ? -11.039 6.050   10.054  1.00 39.20  ? 19 DA  B OP2   1 
ATOM   374 O "O5'" . DA  B 2 9  ? -11.901 4.004   8.928   1.00 30.04  ? 19 DA  B "O5'" 1 
ATOM   375 C "C5'" . DA  B 2 9  ? -12.637 3.309   7.939   1.00 32.83  ? 19 DA  B "C5'" 1 
ATOM   376 C "C4'" . DA  B 2 9  ? -12.650 1.829   8.225   1.00 37.76  ? 19 DA  B "C4'" 1 
ATOM   377 O "O4'" . DA  B 2 9  ? -11.368 1.218   7.976   1.00 35.33  ? 19 DA  B "O4'" 1 
ATOM   378 C "C3'" . DA  B 2 9  ? -13.060 1.415   9.632   1.00 39.97  ? 19 DA  B "C3'" 1 
ATOM   379 O "O3'" . DA  B 2 9  ? -13.931 0.276   9.541   1.00 46.97  ? 19 DA  B "O3'" 1 
ATOM   380 C "C2'" . DA  B 2 9  ? -11.741 1.033   10.271  1.00 37.37  ? 19 DA  B "C2'" 1 
ATOM   381 C "C1'" . DA  B 2 9  ? -10.928 0.505   9.109   1.00 32.10  ? 19 DA  B "C1'" 1 
ATOM   382 N N9    . DA  B 2 9  ? -9.498  0.776   9.272   1.00 30.45  ? 19 DA  B N9    1 
ATOM   383 C C8    . DA  B 2 9  ? -8.908  1.979   9.543   1.00 24.25  ? 19 DA  B C8    1 
ATOM   384 N N7    . DA  B 2 9  ? -7.608  1.905   9.681   1.00 28.14  ? 19 DA  B N7    1 
ATOM   385 C C5    . DA  B 2 9  ? -7.320  0.557   9.464   1.00 29.31  ? 19 DA  B C5    1 
ATOM   386 C C6    . DA  B 2 9  ? -6.114  -0.185  9.475   1.00 26.72  ? 19 DA  B C6    1 
ATOM   387 N N6    . DA  B 2 9  ? -4.913  0.341   9.711   1.00 30.12  ? 19 DA  B N6    1 
ATOM   388 N N1    . DA  B 2 9  ? -6.186  -1.500  9.224   1.00 27.31  ? 19 DA  B N1    1 
ATOM   389 C C2    . DA  B 2 9  ? -7.371  -2.036  8.974   1.00 25.30  ? 19 DA  B C2    1 
ATOM   390 N N3    . DA  B 2 9  ? -8.558  -1.463  8.940   1.00 30.31  ? 19 DA  B N3    1 
ATOM   391 C C4    . DA  B 2 9  ? -8.470  -0.145  9.200   1.00 29.90  ? 19 DA  B C4    1 
ATOM   392 P P     . DA  B 2 10 ? -14.491 -0.433  10.873  1.00 48.74  ? 20 DA  B P     1 
ATOM   393 O OP1   . DA  B 2 10 ? -15.926 -0.691  10.655  1.00 50.01  ? 20 DA  B OP1   1 
ATOM   394 O OP2   . DA  B 2 10 ? -14.051 0.301   12.105  1.00 39.66  ? 20 DA  B OP2   1 
ATOM   395 O "O5'" . DA  B 2 10 ? -13.750 -1.827  10.839  1.00 41.26  ? 20 DA  B "O5'" 1 
ATOM   396 C "C5'" . DA  B 2 10 ? -13.800 -2.641  11.987  1.00 46.58  ? 20 DA  B "C5'" 1 
ATOM   397 C "C4'" . DA  B 2 10 ? -12.791 -3.749  11.883  1.00 42.76  ? 20 DA  B "C4'" 1 
ATOM   398 O "O4'" . DA  B 2 10 ? -11.510 -3.176  11.526  1.00 41.91  ? 20 DA  B "O4'" 1 
ATOM   399 C "C3'" . DA  B 2 10 ? -12.588 -4.401  13.241  1.00 42.54  ? 20 DA  B "C3'" 1 
ATOM   400 O "O3'" . DA  B 2 10 ? -12.196 -5.771  13.041  1.00 48.39  ? 20 DA  B "O3'" 1 
ATOM   401 C "C2'" . DA  B 2 10 ? -11.461 -3.560  13.814  1.00 40.66  ? 20 DA  B "C2'" 1 
ATOM   402 C "C1'" . DA  B 2 10 ? -10.606 -3.443  12.571  1.00 37.28  ? 20 DA  B "C1'" 1 
ATOM   403 N N9    . DA  B 2 10 ? -9.594  -2.393  12.578  1.00 35.89  ? 20 DA  B N9    1 
ATOM   404 C C8    . DA  B 2 10 ? -9.723  -1.036  12.685  1.00 31.21  ? 20 DA  B C8    1 
ATOM   405 N N7    . DA  B 2 10 ? -8.572  -0.395  12.693  1.00 33.59  ? 20 DA  B N7    1 
ATOM   406 C C5    . DA  B 2 10 ? -7.623  -1.410  12.571  1.00 33.19  ? 20 DA  B C5    1 
ATOM   407 C C6    . DA  B 2 10 ? -6.201  -1.408  12.525  1.00 31.15  ? 20 DA  B C6    1 
ATOM   408 N N6    . DA  B 2 10 ? -5.456  -0.316  12.544  1.00 31.47  ? 20 DA  B N6    1 
ATOM   409 N N1    . DA  B 2 10 ? -5.572  -2.596  12.438  1.00 31.40  ? 20 DA  B N1    1 
ATOM   410 C C2    . DA  B 2 10 ? -6.317  -3.711  12.371  1.00 30.99  ? 20 DA  B C2    1 
ATOM   411 N N3    . DA  B 2 10 ? -7.644  -3.842  12.378  1.00 33.08  ? 20 DA  B N3    1 
ATOM   412 C C4    . DA  B 2 10 ? -8.242  -2.642  12.491  1.00 34.51  ? 20 DA  B C4    1 
HETATM 413 O O     . HOH C 3 .  ? -0.461  -12.644 5.968   1.00 49.04  ? 21 HOH A O     1 
HETATM 414 O O     . HOH C 3 .  ? -11.304 -5.816  2.186   1.00 42.29  ? 22 HOH A O     1 
HETATM 415 O O     . HOH C 3 .  ? -9.637  -8.200  -1.899  1.00 60.46  ? 23 HOH A O     1 
HETATM 416 O O     . HOH C 3 .  ? -4.654  -1.954  -1.218  1.00 48.59  ? 24 HOH A O     1 
HETATM 417 O O     . HOH C 3 .  ? -2.292  -6.459  2.768   1.00 45.34  ? 25 HOH A O     1 
HETATM 418 O O     . HOH C 3 .  ? -6.308  -0.791  -4.293  1.00 35.00  ? 26 HOH A O     1 
HETATM 419 O O     . HOH C 3 .  ? -7.864  4.847   -10.214 1.00 73.53  ? 27 HOH A O     1 
HETATM 420 O O     . HOH C 3 .  ? -8.967  2.246   -9.951  1.00 51.04  ? 28 HOH A O     1 
HETATM 421 O O     . HOH C 3 .  ? 0.751   0.439   -9.214  1.00 53.11  ? 29 HOH A O     1 
HETATM 422 O O     . HOH C 3 .  ? 9.414   5.933   -14.619 1.00 16.85  ? 31 HOH A O     1 
HETATM 423 O O     . HOH C 3 .  ? 8.150   -0.139  -12.788 1.00 35.96  ? 32 HOH A O     1 
HETATM 424 O O     . HOH C 3 .  ? 6.516   -2.131  -12.673 1.00 46.06  ? 33 HOH A O     1 
HETATM 425 O O     . HOH C 3 .  ? 2.812   -1.013  -10.653 1.00 30.92  ? 34 HOH A O     1 
HETATM 426 O O     . HOH C 3 .  ? 12.936  4.833   -13.450 1.00 63.59  ? 35 HOH A O     1 
HETATM 427 O O     . HOH C 3 .  ? 14.485  3.121   -10.446 1.00 45.14  ? 36 HOH A O     1 
HETATM 428 O O     . HOH C 3 .  ? 14.581  -2.083  -6.204  1.00 50.58  ? 37 HOH A O     1 
HETATM 429 O O     . HOH C 3 .  ? 8.665   4.962   -5.996  1.00 40.24  ? 38 HOH A O     1 
HETATM 430 O O     . HOH C 3 .  ? 2.923   7.454   -5.405  1.00 65.62  ? 40 HOH A O     1 
HETATM 431 O O     . HOH C 3 .  ? -2.852  7.923   -4.630  1.00 42.13  ? 41 HOH A O     1 
HETATM 432 O O     . HOH C 3 .  ? -8.673  -7.991  7.262   1.00 64.08  ? 54 HOH A O     1 
HETATM 433 O O     . HOH C 3 .  ? -2.003  -2.995  2.642   1.00 49.06  ? 56 HOH A O     1 
HETATM 434 O O     . HOH C 3 .  ? -11.316 -7.434  4.297   1.00 64.04  ? 58 HOH A O     1 
HETATM 435 O O     . HOH C 3 .  ? -12.613 -3.259  0.379   1.00 66.18  ? 59 HOH A O     1 
HETATM 436 O O     . HOH C 3 .  ? -8.957  -2.104  -6.307  1.00 41.08  ? 60 HOH A O     1 
HETATM 437 O O     . HOH C 3 .  ? -12.845 1.297   -4.375  1.00 46.02  ? 61 HOH A O     1 
HETATM 438 O O     . HOH C 3 .  ? 4.325   1.785   -11.549 1.00 77.56  ? 62 HOH A O     1 
HETATM 439 O O     . HOH C 3 .  ? 15.911  -1.823  -13.790 1.00 57.48  ? 64 HOH A O     1 
HETATM 440 O O     . HOH C 3 .  ? -0.550  -0.016  4.852   1.00 52.04  ? 68 HOH A O     1 
HETATM 441 O O     . HOH C 3 .  ? -3.630  0.911   -7.048  1.00 50.34  ? 71 HOH A O     1 
HETATM 442 O O     . HOH C 3 .  ? -1.832  5.972   -13.146 1.00 64.78  ? 72 HOH A O     1 
HETATM 443 O O     . HOH C 3 .  ? 5.498   -4.087  -14.486 1.00 45.29  ? 73 HOH A O     1 
HETATM 444 O O     . HOH C 3 .  ? 4.436   8.978   -7.611  1.00 71.55  ? 75 HOH A O     1 
HETATM 445 O O     . HOH C 3 .  ? 12.070  -0.251  -6.248  1.00 50.85  ? 76 HOH A O     1 
HETATM 446 O O     . HOH C 3 .  ? -0.114  -3.136  5.005   1.00 54.15  ? 78 HOH A O     1 
HETATM 447 O O     . HOH C 3 .  ? -12.245 -3.154  3.624   1.00 72.48  ? 80 HOH A O     1 
HETATM 448 O O     . HOH C 3 .  ? 13.958  3.490   -7.284  1.00 50.14  ? 82 HOH A O     1 
HETATM 449 O O     . HOH C 3 .  ? 13.347  2.583   -15.270 1.00 63.26  ? 83 HOH A O     1 
HETATM 450 O O     . HOH C 3 .  ? 11.471  4.559   -6.654  1.00 41.40  ? 84 HOH A O     1 
HETATM 451 O O     . HOH C 3 .  ? 15.333  -0.990  -3.117  1.00 50.02  ? 85 HOH A O     1 
HETATM 452 O O     . HOH C 3 .  ? -4.585  -12.051 1.309   1.00 69.82  ? 86 HOH A O     1 
HETATM 453 O O     . HOH C 3 .  ? 10.276  2.376   -4.163  1.00 54.05  ? 88 HOH A O     1 
HETATM 454 O O     . HOH C 3 .  ? -15.267 -5.802  0.701   1.00 63.32  ? 89 HOH A O     1 
HETATM 455 O O     . HOH C 3 .  ? -3.902  -4.268  -0.246  1.00 72.22  ? 90 HOH A O     1 
HETATM 456 O O     . HOH C 3 .  ? 1.802   -1.753  -7.227  1.00 66.70  ? 91 HOH A O     1 
HETATM 457 O O     . HOH C 3 .  ? 0.365   -10.782 3.380   1.00 47.79  ? 92 HOH A O     1 
HETATM 458 O O     . HOH D 3 .  ? 7.083   10.161  6.339   1.00 52.17  ? 30 HOH B O     1 
HETATM 459 O O     . HOH D 3 .  ? 7.811   4.656   -3.037  1.00 51.91  ? 39 HOH B O     1 
HETATM 460 O O     . HOH D 3 .  ? -1.823  8.655   -2.330  1.00 59.77  ? 42 HOH B O     1 
HETATM 461 O O     . HOH D 3 .  ? 3.008   8.071   -2.169  1.00 52.86  ? 43 HOH B O     1 
HETATM 462 O O     . HOH D 3 .  ? 1.169   2.025   3.616   1.00 33.54  ? 44 HOH B O     1 
HETATM 463 O O     . HOH D 3 .  ? 5.458   0.607   2.918   1.00 58.57  ? 45 HOH B O     1 
HETATM 464 O O     . HOH D 3 .  ? 0.732   6.607   6.439   1.00 38.65  ? 46 HOH B O     1 
HETATM 465 O O     . HOH D 3 .  ? -1.594  1.603   7.398   1.00 57.61  ? 47 HOH B O     1 
HETATM 466 O O     . HOH D 3 .  ? -2.421  12.266  8.447   1.00 45.64  ? 48 HOH B O     1 
HETATM 467 O O     . HOH D 3 .  ? -5.006  2.952   10.892  1.00 66.15  ? 49 HOH B O     1 
HETATM 468 O O     . HOH D 3 .  ? 3.180   -4.608  -8.969  1.00 57.34  ? 50 HOH B O     1 
HETATM 469 O O     . HOH D 3 .  ? 2.430   -7.814  -3.052  1.00 50.47  ? 51 HOH B O     1 
HETATM 470 O O     . HOH D 3 .  ? 8.998   0.812   5.826   1.00 60.64  ? 52 HOH B O     1 
HETATM 471 O O     . HOH D 3 .  ? -17.398 -1.974  12.577  1.00 66.35  ? 53 HOH B O     1 
HETATM 472 O O     . HOH D 3 .  ? -4.914  6.061   9.707   1.00 60.87  ? 55 HOH B O     1 
HETATM 473 O O     . HOH D 3 .  ? -13.925 2.845   12.458  1.00 102.27 ? 57 HOH B O     1 
HETATM 474 O O     . HOH D 3 .  ? 4.143   -6.856  -1.271  1.00 50.78  ? 63 HOH B O     1 
HETATM 475 O O     . HOH D 3 .  ? -2.178  9.898   9.483   1.00 61.23  ? 65 HOH B O     1 
HETATM 476 O O     . HOH D 3 .  ? 0.853   3.751   6.026   1.00 36.39  ? 66 HOH B O     1 
HETATM 477 O O     . HOH D 3 .  ? 4.272   -4.526  0.163   1.00 59.55  ? 67 HOH B O     1 
HETATM 478 O O     . HOH D 3 .  ? 5.314   11.793  4.317   1.00 52.66  ? 69 HOH B O     1 
HETATM 479 O O     . HOH D 3 .  ? -0.207  13.324  1.918   1.00 80.16  ? 70 HOH B O     1 
HETATM 480 O O     . HOH D 3 .  ? 4.416   -9.497  1.844   1.00 71.85  ? 74 HOH B O     1 
HETATM 481 O O     . HOH D 3 .  ? 10.918  -1.129  -3.938  1.00 59.97  ? 77 HOH B O     1 
HETATM 482 O O     . HOH D 3 .  ? -1.056  11.883  -2.474  1.00 76.77  ? 79 HOH B O     1 
HETATM 483 O O     . HOH D 3 .  ? 3.650   3.672   4.265   1.00 73.53  ? 81 HOH B O     1 
HETATM 484 O O     . HOH D 3 .  ? 2.607   11.410  6.147   1.00 69.21  ? 87 HOH B O     1 
# 
